data_6TTD
#
_entry.id   6TTD
#
_cell.length_a   63.200
_cell.length_b   89.580
_cell.length_c   86.850
_cell.angle_alpha   90.000
_cell.angle_beta   106.070
_cell.angle_gamma   90.000
#
_symmetry.space_group_name_H-M   'P 1 21 1'
#
loop_
_entity.id
_entity.type
_entity.pdbx_description
1 polymer 'Multicopper oxidase'
2 non-polymer 'COPPER (II) ION'
3 non-polymer 'OXYGEN MOLECULE'
4 non-polymer 'SULFATE ION'
5 non-polymer GLYCEROL
6 water water
#
_entity_poly.entity_id   1
_entity_poly.type   'polypeptide(L)'
_entity_poly.pdbx_seq_one_letter_code
;MDRRKFIKTSLFSALGFSVGGLSLLSCGGGGTTGSSSGQGSGTLSKQSLNIPGYSLFSDGQRVSITAKWTTLEVIPGKST
DMLVYEIDNEYNPVIFLRKGQTFSADFVNNSGEDSIIHWHGFRAPWKSDGHPYYAVKDGETYSYPDFTIIDRSGTYFYHP
HPHGRTGYQVYYGLAGMIIIEDEDEDNLKQALDLEYGVTDIPLIIQDKTFDSSGQLVYNPMGHMGFWGDTILVNLTPNPY
MDVERKIYRFRILNGSNARPYRLALLRGNQRMRFWVIGVEGGLLDTPKEVNEILVAPGERIDILVDFRDASVNDVIKLYN
FPHNLIGMGMIGMRMGMGMERGMGMGNGMNMDMGMADNSEFEVMEFRVTKDSAYDKSIPQRLSEVTPINTDGAQVQRITL
GMRRMVFTINGETWEDGYANPQDINNPKVLFEQNNGDVVILEYVNNTGTYHPMHIHGFQFQVLERSLGPLGATDLGWKDT
VIVAPMETVRIAVDMSHPYNEHQIYLLHCHILEHHDEGMMVNYRVNA
;
_entity_poly.pdbx_strand_id   A,B
#
loop_
_chem_comp.id
_chem_comp.type
_chem_comp.name
_chem_comp.formula
CU non-polymer 'COPPER (II) ION' 'Cu 2'
GOL non-polymer GLYCEROL 'C3 H8 O3'
OXY non-polymer 'OXYGEN MOLECULE' O2
SO4 non-polymer 'SULFATE ION' 'O4 S -2'
#
# COMPACT_ATOMS: atom_id res chain seq x y z
N SER A 45 17.14 31.42 4.44
CA SER A 45 17.28 30.45 3.35
C SER A 45 16.07 29.57 3.31
N LYS A 46 15.55 29.35 2.12
CA LYS A 46 14.41 28.48 1.99
C LYS A 46 14.81 27.05 2.29
N GLN A 47 13.93 26.33 3.01
CA GLN A 47 14.07 24.92 3.36
C GLN A 47 13.29 24.07 2.37
N SER A 48 13.80 22.87 2.09
CA SER A 48 13.00 21.94 1.32
C SER A 48 11.79 21.49 2.13
N LEU A 49 10.65 21.42 1.44
CA LEU A 49 9.39 20.99 2.06
C LEU A 49 9.54 19.63 2.75
N ASN A 50 9.10 19.56 4.01
CA ASN A 50 8.98 18.25 4.65
C ASN A 50 7.76 17.50 4.16
N ILE A 51 7.93 16.19 4.00
CA ILE A 51 6.83 15.31 3.67
C ILE A 51 6.55 14.45 4.91
N PRO A 52 5.32 14.46 5.44
CA PRO A 52 4.96 13.52 6.52
C PRO A 52 5.25 12.06 6.18
N GLY A 53 5.58 11.29 7.22
CA GLY A 53 5.57 9.84 7.07
C GLY A 53 4.14 9.38 6.90
N TYR A 54 3.97 8.06 6.75
CA TYR A 54 2.62 7.56 6.57
C TYR A 54 2.47 6.32 7.43
N SER A 55 1.21 5.95 7.65
CA SER A 55 0.84 4.82 8.47
C SER A 55 -0.26 4.08 7.72
N LEU A 56 -0.03 2.81 7.40
CA LEU A 56 -1.05 2.01 6.74
C LEU A 56 -1.89 1.40 7.84
N PHE A 57 -3.03 1.98 8.13
CA PHE A 57 -3.81 1.44 9.24
C PHE A 57 -4.26 0.03 8.98
N SER A 58 -3.93 -0.85 9.92
CA SER A 58 -4.36 -2.23 9.79
C SER A 58 -5.89 -2.33 9.72
N ASP A 59 -6.34 -3.19 8.84
CA ASP A 59 -7.76 -3.46 8.68
C ASP A 59 -8.21 -4.31 9.85
N GLY A 60 -8.78 -3.66 10.87
CA GLY A 60 -9.39 -4.36 12.00
C GLY A 60 -8.51 -4.63 13.21
N GLN A 61 -7.18 -4.47 13.14
CA GLN A 61 -6.39 -4.56 14.36
C GLN A 61 -6.23 -3.18 14.97
N ARG A 62 -6.27 -3.16 16.30
CA ARG A 62 -6.37 -1.88 17.00
C ARG A 62 -5.02 -1.19 16.99
N VAL A 63 -5.01 0.03 16.47
CA VAL A 63 -3.82 0.88 16.36
C VAL A 63 -3.83 1.91 17.50
N SER A 64 -2.69 2.07 18.18
CA SER A 64 -2.59 3.07 19.26
C SER A 64 -2.11 4.41 18.71
N ILE A 65 -2.80 5.47 19.08
CA ILE A 65 -2.41 6.81 18.71
C ILE A 65 -2.16 7.59 20.00
N THR A 66 -0.93 8.04 20.21
CA THR A 66 -0.58 8.70 21.47
C THR A 66 -0.38 10.19 21.25
N ALA A 67 -1.05 11.02 22.03
CA ALA A 67 -0.79 12.47 22.01
C ALA A 67 0.23 12.80 23.09
N LYS A 68 1.34 13.42 22.70
CA LYS A 68 2.36 13.67 23.68
C LYS A 68 3.18 14.89 23.26
N TRP A 69 3.90 15.46 24.22
CA TRP A 69 4.79 16.60 23.99
C TRP A 69 6.17 16.12 23.64
N THR A 70 6.84 16.88 22.79
CA THR A 70 8.22 16.56 22.43
C THR A 70 8.87 17.89 22.08
N THR A 71 10.11 17.82 21.59
CA THR A 71 10.83 18.98 21.10
C THR A 71 11.19 18.74 19.64
N LEU A 72 10.89 19.73 18.79
CA LEU A 72 11.10 19.60 17.36
C LEU A 72 11.90 20.77 16.87
N GLU A 73 12.64 20.56 15.80
CA GLU A 73 13.33 21.68 15.16
C GLU A 73 12.45 22.15 14.03
N VAL A 74 11.74 23.26 14.26
CA VAL A 74 10.85 23.83 13.25
C VAL A 74 11.52 25.02 12.58
N ILE A 75 11.95 25.99 13.38
CA ILE A 75 12.83 27.08 12.91
C ILE A 75 14.25 26.56 12.96
N PRO A 76 14.99 26.66 11.86
CA PRO A 76 16.33 26.06 11.83
C PRO A 76 17.18 26.54 12.99
N GLY A 77 17.78 25.59 13.71
CA GLY A 77 18.71 25.93 14.78
C GLY A 77 18.09 26.27 16.11
N LYS A 78 16.75 26.20 16.22
CA LYS A 78 16.06 26.47 17.47
C LYS A 78 15.24 25.26 17.83
N SER A 79 14.93 25.13 19.12
CA SER A 79 14.01 24.10 19.61
C SER A 79 12.61 24.69 19.85
N THR A 80 11.57 23.93 19.49
CA THR A 80 10.15 24.27 19.75
C THR A 80 9.47 23.08 20.42
N ASP A 81 8.89 23.30 21.62
CA ASP A 81 8.10 22.25 22.23
C ASP A 81 6.73 22.19 21.52
N MET A 82 6.33 20.99 21.08
CA MET A 82 5.08 20.83 20.35
C MET A 82 4.43 19.54 20.76
N LEU A 83 3.10 19.50 20.58
CA LEU A 83 2.37 18.25 20.68
C LEU A 83 2.51 17.47 19.38
N VAL A 84 2.50 16.15 19.48
CA VAL A 84 2.43 15.26 18.31
C VAL A 84 1.53 14.07 18.60
N TYR A 85 0.88 13.56 17.54
CA TYR A 85 0.30 12.24 17.60
C TYR A 85 1.37 11.27 17.13
N GLU A 86 1.69 10.32 17.97
CA GLU A 86 2.60 9.25 17.60
C GLU A 86 1.79 8.01 17.23
N ILE A 87 2.01 7.52 16.00
CA ILE A 87 1.39 6.32 15.45
C ILE A 87 2.48 5.53 14.76
N ASP A 88 2.60 4.23 15.09
CA ASP A 88 3.50 3.35 14.33
C ASP A 88 4.89 3.95 14.22
N ASN A 89 5.43 4.56 15.30
CA ASN A 89 6.77 5.16 15.22
C ASN A 89 6.90 6.33 14.27
N GLU A 90 5.84 7.10 14.05
CA GLU A 90 5.87 8.31 13.26
C GLU A 90 5.13 9.38 14.03
N TYR A 91 5.46 10.66 13.78
CA TYR A 91 4.73 11.78 14.39
C TYR A 91 3.82 12.40 13.34
N ASN A 92 2.53 12.54 13.67
CA ASN A 92 1.53 13.12 12.76
C ASN A 92 1.66 12.56 11.35
N PRO A 93 1.76 11.25 11.18
CA PRO A 93 1.84 10.71 9.81
C PRO A 93 0.52 10.86 9.09
N VAL A 94 0.56 10.77 7.75
CA VAL A 94 -0.66 10.57 7.00
C VAL A 94 -1.22 9.19 7.33
N ILE A 95 -2.48 9.12 7.79
CA ILE A 95 -3.14 7.82 8.00
C ILE A 95 -3.77 7.35 6.68
N PHE A 96 -3.36 6.18 6.19
CA PHE A 96 -3.95 5.58 4.99
C PHE A 96 -5.01 4.55 5.35
N LEU A 97 -6.17 4.66 4.71
CA LEU A 97 -7.28 3.73 4.89
C LEU A 97 -7.81 3.35 3.54
N ARG A 98 -8.38 2.15 3.46
CA ARG A 98 -9.11 1.70 2.30
C ARG A 98 -10.61 1.72 2.65
N LYS A 99 -11.43 2.28 1.78
CA LYS A 99 -12.87 2.19 1.96
C LYS A 99 -13.29 0.73 2.13
N GLY A 100 -14.18 0.50 3.07
CA GLY A 100 -14.58 -0.82 3.39
C GLY A 100 -13.84 -1.45 4.55
N GLN A 101 -12.64 -0.96 4.89
CA GLN A 101 -11.95 -1.67 5.95
C GLN A 101 -12.57 -1.36 7.31
N THR A 102 -12.18 -2.15 8.31
CA THR A 102 -12.54 -1.83 9.68
C THR A 102 -11.52 -0.85 10.27
N PHE A 103 -12.00 0.20 10.91
CA PHE A 103 -11.17 1.20 11.57
C PHE A 103 -11.19 0.95 13.09
N SER A 104 -10.04 0.59 13.66
CA SER A 104 -9.95 0.16 15.05
C SER A 104 -8.83 0.96 15.71
N ALA A 105 -9.17 1.87 16.62
CA ALA A 105 -8.20 2.83 17.14
C ALA A 105 -8.32 2.98 18.64
N ASP A 106 -7.19 3.21 19.29
CA ASP A 106 -7.13 3.65 20.68
C ASP A 106 -6.40 4.97 20.73
N PHE A 107 -6.93 5.90 21.49
CA PHE A 107 -6.25 7.16 21.72
C PHE A 107 -5.60 7.14 23.11
N VAL A 108 -4.27 7.30 23.18
CA VAL A 108 -3.57 7.37 24.46
C VAL A 108 -3.25 8.83 24.75
N ASN A 109 -3.84 9.38 25.80
CA ASN A 109 -3.78 10.82 26.07
C ASN A 109 -2.63 11.12 27.00
N ASN A 110 -1.49 11.63 26.48
CA ASN A 110 -0.46 12.22 27.36
C ASN A 110 -0.27 13.71 27.08
N SER A 111 -1.38 14.38 26.71
CA SER A 111 -1.27 15.76 26.24
C SER A 111 -1.25 16.78 27.35
N GLY A 112 -1.49 16.36 28.61
CA GLY A 112 -1.50 17.27 29.72
C GLY A 112 -2.89 17.74 30.15
N GLU A 113 -3.97 17.35 29.46
CA GLU A 113 -5.32 17.84 29.76
C GLU A 113 -6.32 16.93 29.06
N ASP A 114 -7.63 17.15 29.31
CA ASP A 114 -8.64 16.35 28.63
C ASP A 114 -8.48 16.39 27.10
N SER A 115 -8.62 15.24 26.43
CA SER A 115 -8.56 15.26 24.98
C SER A 115 -9.26 14.06 24.36
N ILE A 116 -9.45 14.12 23.05
CA ILE A 116 -10.05 13.03 22.27
C ILE A 116 -9.73 13.37 20.82
N ILE A 117 -9.52 12.34 19.96
CA ILE A 117 -9.30 12.60 18.53
C ILE A 117 -10.62 12.58 17.80
N HIS A 118 -10.81 13.51 16.86
CA HIS A 118 -11.94 13.48 15.93
C HIS A 118 -11.43 13.22 14.51
N TRP A 119 -12.14 12.36 13.77
CA TRP A 119 -11.77 12.02 12.39
C TRP A 119 -12.62 12.93 11.53
N HIS A 120 -12.08 14.09 11.21
CA HIS A 120 -12.91 15.11 10.56
C HIS A 120 -13.23 14.67 9.12
N GLY A 121 -14.54 14.53 8.81
CA GLY A 121 -15.03 14.07 7.52
C GLY A 121 -15.58 12.66 7.54
N PHE A 122 -15.31 11.86 8.58
CA PHE A 122 -15.82 10.50 8.58
C PHE A 122 -17.32 10.46 8.82
N ARG A 123 -18.00 9.57 8.11
CA ARG A 123 -19.32 9.16 8.54
C ARG A 123 -19.13 8.09 9.62
N ALA A 124 -19.06 8.51 10.87
CA ALA A 124 -18.76 7.52 11.91
C ALA A 124 -19.91 7.47 12.91
N PRO A 125 -20.08 6.33 13.59
CA PRO A 125 -21.00 6.30 14.75
C PRO A 125 -20.48 7.25 15.81
N TRP A 126 -21.38 7.99 16.46
CA TRP A 126 -20.91 9.19 17.15
C TRP A 126 -20.04 8.88 18.36
N LYS A 127 -20.15 7.67 18.95
CA LYS A 127 -19.23 7.34 20.03
C LYS A 127 -17.82 7.02 19.52
N SER A 128 -17.64 6.92 18.20
CA SER A 128 -16.30 6.73 17.63
C SER A 128 -15.87 7.97 16.87
N ASP A 129 -16.69 9.03 16.91
CA ASP A 129 -16.46 10.26 16.16
C ASP A 129 -15.52 11.21 16.88
N GLY A 130 -15.36 11.07 18.18
CA GLY A 130 -14.55 12.04 18.90
C GLY A 130 -15.34 13.24 19.38
N HIS A 131 -16.54 13.01 19.88
CA HIS A 131 -17.35 14.05 20.49
C HIS A 131 -16.74 14.44 21.85
N PRO A 132 -16.82 15.73 22.23
CA PRO A 132 -16.19 16.18 23.50
C PRO A 132 -16.73 15.45 24.74
N TYR A 133 -17.98 14.94 24.70
CA TYR A 133 -18.48 14.20 25.85
C TYR A 133 -17.61 13.00 26.14
N TYR A 134 -16.86 12.48 25.14
CA TYR A 134 -16.05 11.27 25.29
C TYR A 134 -14.57 11.57 25.58
N ALA A 135 -14.21 12.84 25.71
CA ALA A 135 -12.83 13.16 26.02
C ALA A 135 -12.40 12.45 27.31
N VAL A 136 -11.17 12.00 27.31
CA VAL A 136 -10.63 11.28 28.45
C VAL A 136 -9.63 12.16 29.16
N LYS A 137 -9.50 11.95 30.46
CA LYS A 137 -8.55 12.74 31.25
C LYS A 137 -7.10 12.45 30.86
N ASP A 138 -6.23 13.37 31.23
CA ASP A 138 -4.83 13.20 30.91
C ASP A 138 -4.34 11.90 31.53
N GLY A 139 -3.56 11.14 30.77
CA GLY A 139 -3.01 9.88 31.20
C GLY A 139 -3.84 8.69 30.86
N GLU A 140 -5.11 8.89 30.47
CA GLU A 140 -6.02 7.80 30.14
C GLU A 140 -6.07 7.52 28.64
N THR A 141 -6.82 6.45 28.31
CA THR A 141 -6.99 5.94 26.97
C THR A 141 -8.46 5.90 26.59
N TYR A 142 -8.76 6.21 25.32
CA TYR A 142 -10.10 6.00 24.83
C TYR A 142 -10.05 4.94 23.73
N SER A 143 -10.82 3.88 23.91
CA SER A 143 -10.88 2.82 22.92
C SER A 143 -12.09 3.11 22.02
N TYR A 144 -11.83 3.47 20.76
CA TYR A 144 -12.91 3.79 19.82
C TYR A 144 -13.62 2.51 19.40
N PRO A 145 -14.92 2.38 19.60
CA PRO A 145 -15.62 1.24 19.02
C PRO A 145 -15.35 1.17 17.53
N ASP A 146 -15.07 -0.05 17.08
CA ASP A 146 -14.80 -0.34 15.68
C ASP A 146 -15.92 0.12 14.78
N PHE A 147 -15.57 0.59 13.60
CA PHE A 147 -16.59 0.81 12.59
C PHE A 147 -15.98 0.64 11.21
N THR A 148 -16.84 0.52 10.22
CA THR A 148 -16.38 0.36 8.84
C THR A 148 -16.22 1.70 8.16
N ILE A 149 -15.13 1.87 7.41
CA ILE A 149 -14.93 3.10 6.66
C ILE A 149 -15.87 3.08 5.47
N ILE A 150 -16.79 4.04 5.41
CA ILE A 150 -17.74 4.09 4.31
C ILE A 150 -17.61 5.38 3.49
N ASP A 151 -16.58 6.15 3.73
CA ASP A 151 -16.43 7.41 3.02
C ASP A 151 -15.73 7.21 1.68
N ARG A 152 -16.02 8.13 0.75
CA ARG A 152 -15.41 8.16 -0.58
C ARG A 152 -13.91 8.48 -0.48
N SER A 153 -13.14 8.00 -1.47
CA SER A 153 -11.71 8.34 -1.42
C SER A 153 -11.50 9.85 -1.35
N GLY A 154 -10.43 10.28 -0.69
CA GLY A 154 -10.09 11.69 -0.67
C GLY A 154 -9.20 12.01 0.53
N THR A 155 -9.14 13.30 0.85
CA THR A 155 -8.29 13.83 1.91
C THR A 155 -9.15 14.21 3.11
N TYR A 156 -8.87 13.58 4.25
CA TYR A 156 -9.57 13.83 5.51
C TYR A 156 -8.54 14.33 6.57
N PHE A 157 -8.96 14.45 7.81
CA PHE A 157 -8.23 15.31 8.76
C PHE A 157 -8.43 14.78 10.18
N TYR A 158 -7.36 14.48 10.90
CA TYR A 158 -7.57 14.06 12.29
C TYR A 158 -6.99 15.10 13.23
N HIS A 159 -7.73 15.41 14.28
CA HIS A 159 -7.27 16.45 15.18
C HIS A 159 -8.07 16.36 16.49
N PRO A 160 -7.61 16.99 17.57
CA PRO A 160 -8.31 16.87 18.87
C PRO A 160 -9.61 17.68 18.89
N HIS A 161 -10.47 17.35 19.87
CA HIS A 161 -11.77 18.02 19.93
C HIS A 161 -12.22 18.26 21.38
N PRO A 162 -11.33 18.53 22.36
CA PRO A 162 -11.83 18.79 23.73
C PRO A 162 -12.65 20.08 23.79
N HIS A 163 -13.69 20.08 24.60
CA HIS A 163 -14.41 21.30 25.00
C HIS A 163 -13.44 22.42 25.34
N GLY A 164 -13.58 23.56 24.66
CA GLY A 164 -12.88 24.78 25.01
C GLY A 164 -11.38 24.81 24.76
N ARG A 165 -10.79 23.71 24.32
CA ARG A 165 -9.34 23.68 24.23
C ARG A 165 -8.87 23.15 22.87
N THR A 166 -9.76 23.10 21.88
CA THR A 166 -9.37 22.55 20.59
C THR A 166 -8.39 23.47 19.88
N GLY A 167 -8.60 24.80 19.98
CA GLY A 167 -7.69 25.73 19.33
C GLY A 167 -6.28 25.61 19.86
N TYR A 168 -6.15 25.40 21.18
CA TYR A 168 -4.84 25.26 21.76
C TYR A 168 -4.16 24.00 21.27
N GLN A 169 -4.86 22.86 21.32
CA GLN A 169 -4.20 21.59 21.04
C GLN A 169 -3.88 21.42 19.56
N VAL A 170 -4.74 21.90 18.64
CA VAL A 170 -4.33 21.92 17.23
C VAL A 170 -3.10 22.80 17.06
N TYR A 171 -3.17 24.00 17.61
CA TYR A 171 -2.13 24.98 17.39
C TYR A 171 -0.79 24.45 17.86
N TYR A 172 -0.76 23.81 19.01
CA TYR A 172 0.50 23.31 19.51
C TYR A 172 0.93 22.01 18.87
N GLY A 173 0.15 21.43 17.95
CA GLY A 173 0.76 20.40 17.12
C GLY A 173 -0.08 19.20 16.79
N LEU A 174 -1.24 19.06 17.43
CA LEU A 174 -2.05 17.86 17.18
C LEU A 174 -2.93 18.05 15.94
N ALA A 175 -2.48 17.48 14.80
CA ALA A 175 -3.16 17.64 13.53
C ALA A 175 -2.49 16.75 12.50
N GLY A 176 -3.27 16.08 11.67
CA GLY A 176 -2.63 15.31 10.63
C GLY A 176 -3.64 14.99 9.55
N MET A 177 -3.12 14.51 8.43
CA MET A 177 -3.95 14.15 7.29
C MET A 177 -4.30 12.67 7.27
N ILE A 178 -5.47 12.39 6.67
CA ILE A 178 -5.94 11.04 6.40
C ILE A 178 -6.14 10.93 4.91
N ILE A 179 -5.73 9.81 4.31
CA ILE A 179 -6.05 9.57 2.91
C ILE A 179 -6.81 8.27 2.83
N ILE A 180 -8.04 8.34 2.30
CA ILE A 180 -8.86 7.16 2.03
C ILE A 180 -8.75 6.84 0.55
N GLU A 181 -8.61 5.54 0.24
CA GLU A 181 -8.48 5.03 -1.12
C GLU A 181 -9.69 4.18 -1.45
N ASP A 182 -10.10 4.24 -2.71
CA ASP A 182 -11.15 3.38 -3.25
C ASP A 182 -10.84 3.15 -4.73
N GLU A 183 -11.76 2.52 -5.43
CA GLU A 183 -11.45 2.15 -6.80
C GLU A 183 -11.22 3.38 -7.71
N ASP A 184 -11.99 4.48 -7.52
CA ASP A 184 -11.75 5.69 -8.32
C ASP A 184 -10.36 6.24 -8.08
N GLU A 185 -9.90 6.20 -6.84
CA GLU A 185 -8.54 6.65 -6.53
C GLU A 185 -7.52 5.73 -7.16
N ASP A 186 -7.72 4.40 -7.06
CA ASP A 186 -6.81 3.50 -7.77
C ASP A 186 -6.70 3.90 -9.24
N ASN A 187 -7.86 4.09 -9.89
CA ASN A 187 -7.88 4.41 -11.32
C ASN A 187 -7.20 5.74 -11.61
N LEU A 188 -7.40 6.73 -10.74
CA LEU A 188 -6.77 8.02 -10.94
C LEU A 188 -5.26 7.90 -10.76
N LYS A 189 -4.81 7.20 -9.73
CA LYS A 189 -3.37 7.02 -9.50
C LYS A 189 -2.70 6.37 -10.71
N GLN A 190 -3.31 5.32 -11.24
CA GLN A 190 -2.72 4.66 -12.40
C GLN A 190 -2.74 5.56 -13.62
N ALA A 191 -3.81 6.31 -13.80
CA ALA A 191 -3.91 7.20 -14.97
C ALA A 191 -2.78 8.20 -14.98
N LEU A 192 -2.38 8.69 -13.81
CA LEU A 192 -1.45 9.80 -13.72
C LEU A 192 -0.12 9.40 -13.13
N ASP A 193 0.05 8.14 -12.75
CA ASP A 193 1.26 7.68 -12.05
C ASP A 193 1.56 8.54 -10.80
N LEU A 194 0.53 8.70 -9.97
CA LEU A 194 0.65 9.50 -8.76
C LEU A 194 1.20 8.56 -7.70
N GLU A 195 2.19 9.03 -6.94
CA GLU A 195 2.76 8.21 -5.87
C GLU A 195 2.93 9.08 -4.63
N TYR A 196 2.40 8.62 -3.47
CA TYR A 196 2.46 9.41 -2.23
C TYR A 196 3.89 9.87 -1.97
N GLY A 197 4.07 11.15 -1.67
CA GLY A 197 5.36 11.62 -1.26
C GLY A 197 6.29 11.91 -2.41
N VAL A 198 5.90 11.56 -3.63
CA VAL A 198 6.72 11.76 -4.80
C VAL A 198 5.96 12.68 -5.73
N THR A 199 4.79 12.25 -6.17
CA THR A 199 3.94 13.12 -6.98
C THR A 199 2.58 13.38 -6.36
N ASP A 200 2.26 12.76 -5.23
CA ASP A 200 1.01 13.02 -4.51
C ASP A 200 1.43 13.58 -3.15
N ILE A 201 1.24 14.88 -2.95
CA ILE A 201 1.97 15.63 -1.94
C ILE A 201 0.98 16.34 -1.03
N PRO A 202 0.98 16.04 0.27
CA PRO A 202 0.18 16.83 1.21
C PRO A 202 0.77 18.23 1.37
N LEU A 203 -0.11 19.25 1.36
CA LEU A 203 0.26 20.63 1.74
C LEU A 203 -0.62 21.04 2.94
N ILE A 204 -0.15 20.76 4.15
CA ILE A 204 -0.85 21.13 5.37
C ILE A 204 -0.39 22.54 5.74
N ILE A 205 -1.22 23.52 5.43
CA ILE A 205 -0.84 24.93 5.53
C ILE A 205 -1.32 25.48 6.87
N GLN A 206 -0.42 26.14 7.60
CA GLN A 206 -0.69 26.61 8.95
C GLN A 206 0.08 27.89 9.23
N ASP A 207 -0.51 28.77 10.04
CA ASP A 207 0.18 29.97 10.47
C ASP A 207 0.44 29.90 11.96
N LYS A 208 1.68 30.21 12.36
CA LYS A 208 2.08 30.17 13.77
C LYS A 208 2.96 31.37 14.04
N THR A 209 3.18 31.66 15.33
CA THR A 209 4.04 32.74 15.79
C THR A 209 5.04 32.15 16.77
N PHE A 210 6.31 32.47 16.60
CA PHE A 210 7.39 31.91 17.40
C PHE A 210 8.05 33.03 18.17
N ASP A 211 8.46 32.81 19.39
CA ASP A 211 9.30 33.88 19.91
C ASP A 211 10.77 33.62 19.52
N SER A 212 11.66 34.38 20.16
CA SER A 212 13.08 34.38 19.87
C SER A 212 13.70 33.02 20.06
N SER A 213 13.33 32.35 21.14
CA SER A 213 13.89 31.06 21.47
C SER A 213 13.35 29.92 20.65
N GLY A 214 12.31 30.16 19.84
CA GLY A 214 11.64 29.09 19.10
C GLY A 214 10.34 28.60 19.72
N GLN A 215 10.01 29.03 20.93
CA GLN A 215 8.76 28.64 21.59
C GLN A 215 7.57 29.24 20.84
N LEU A 216 6.49 28.46 20.66
CA LEU A 216 5.29 29.01 20.03
C LEU A 216 4.61 30.00 20.95
N VAL A 217 4.00 31.02 20.35
CA VAL A 217 3.19 32.02 21.04
C VAL A 217 1.73 31.75 20.66
N TYR A 218 0.88 31.53 21.64
CA TYR A 218 -0.56 31.34 21.36
C TYR A 218 -1.33 32.40 22.16
N ASN A 219 -1.67 33.49 21.51
CA ASN A 219 -2.19 34.66 22.23
C ASN A 219 -3.44 35.21 21.56
N PRO A 220 -4.48 34.38 21.37
CA PRO A 220 -5.66 34.86 20.64
C PRO A 220 -6.21 36.10 21.35
N MET A 221 -6.48 37.14 20.59
CA MET A 221 -7.19 38.27 21.16
C MET A 221 -8.33 38.63 20.22
N GLY A 222 -9.42 39.10 20.81
CA GLY A 222 -10.44 39.54 19.94
C GLY A 222 -11.28 38.36 19.53
N HIS A 223 -12.11 38.60 18.52
CA HIS A 223 -13.11 37.60 18.14
C HIS A 223 -12.93 37.10 16.71
N MET A 224 -11.77 37.36 16.12
CA MET A 224 -11.44 36.82 14.80
C MET A 224 -10.64 35.54 14.90
N GLY A 225 -10.47 34.96 16.09
CA GLY A 225 -9.61 33.80 16.25
C GLY A 225 -8.14 34.18 16.23
N PHE A 226 -7.30 33.14 16.20
CA PHE A 226 -5.83 33.31 16.29
C PHE A 226 -5.20 33.43 14.90
N TRP A 227 -4.34 34.42 14.70
CA TRP A 227 -3.67 34.63 13.42
C TRP A 227 -2.18 34.70 13.67
N GLY A 228 -1.41 33.91 12.93
CA GLY A 228 0.02 33.82 13.14
C GLY A 228 0.82 34.64 12.14
N ASP A 229 2.07 34.92 12.48
CA ASP A 229 2.83 35.74 11.56
C ASP A 229 3.78 34.94 10.67
N THR A 230 3.86 33.61 10.84
CA THR A 230 4.73 32.73 10.08
C THR A 230 3.93 31.63 9.40
N ILE A 231 4.07 31.52 8.09
CA ILE A 231 3.37 30.50 7.30
C ILE A 231 4.24 29.26 7.21
N LEU A 232 3.66 28.11 7.55
CA LEU A 232 4.32 26.82 7.48
C LEU A 232 3.54 25.92 6.52
N VAL A 233 4.25 25.06 5.81
CA VAL A 233 3.61 23.98 5.07
C VAL A 233 4.28 22.72 5.59
N ASN A 234 3.47 21.80 6.10
CA ASN A 234 3.99 20.60 6.74
C ASN A 234 5.05 20.94 7.78
N LEU A 235 4.76 21.96 8.60
CA LEU A 235 5.64 22.41 9.67
C LEU A 235 7.01 22.88 9.13
N THR A 236 7.04 23.28 7.86
CA THR A 236 8.25 23.77 7.21
C THR A 236 8.06 25.25 6.94
N PRO A 237 8.93 26.10 7.45
CA PRO A 237 8.82 27.53 7.17
C PRO A 237 9.49 27.85 5.84
N ASN A 238 8.98 28.88 5.16
CA ASN A 238 9.58 29.39 3.93
C ASN A 238 10.01 28.27 2.96
N PRO A 239 9.12 27.37 2.60
CA PRO A 239 9.55 26.13 1.95
C PRO A 239 9.66 26.25 0.43
N TYR A 240 10.49 25.37 -0.15
CA TYR A 240 10.49 25.18 -1.59
C TYR A 240 10.37 23.69 -1.83
N MET A 241 9.85 23.34 -3.01
CA MET A 241 9.88 21.95 -3.44
C MET A 241 10.34 21.88 -4.89
N ASP A 242 11.32 21.01 -5.15
CA ASP A 242 11.77 20.73 -6.51
C ASP A 242 10.73 19.89 -7.24
N VAL A 243 10.41 20.26 -8.47
CA VAL A 243 9.46 19.47 -9.25
C VAL A 243 10.00 19.31 -10.66
N GLU A 244 9.50 18.27 -11.33
CA GLU A 244 9.76 18.06 -12.75
C GLU A 244 8.55 18.51 -13.57
N ARG A 245 8.75 18.64 -14.88
CA ARG A 245 7.67 19.05 -15.78
C ARG A 245 6.74 17.85 -15.98
N LYS A 246 5.82 17.67 -15.03
CA LYS A 246 4.81 16.63 -15.14
C LYS A 246 3.65 17.05 -14.22
N ILE A 247 2.63 16.19 -14.13
CA ILE A 247 1.46 16.51 -13.31
C ILE A 247 1.71 16.01 -11.90
N TYR A 248 1.47 16.87 -10.93
CA TYR A 248 1.50 16.53 -9.52
C TYR A 248 0.10 16.68 -8.95
N ARG A 249 -0.19 15.92 -7.90
CA ARG A 249 -1.37 16.14 -7.07
C ARG A 249 -0.95 16.75 -5.75
N PHE A 250 -1.61 17.85 -5.37
CA PHE A 250 -1.38 18.49 -4.08
C PHE A 250 -2.65 18.39 -3.26
N ARG A 251 -2.50 17.94 -2.01
CA ARG A 251 -3.64 17.80 -1.09
C ARG A 251 -3.54 18.94 -0.10
N ILE A 252 -4.26 20.02 -0.39
CA ILE A 252 -4.17 21.22 0.46
C ILE A 252 -5.16 21.07 1.60
N LEU A 253 -4.65 21.07 2.82
CA LEU A 253 -5.46 20.99 4.03
C LEU A 253 -5.16 22.25 4.84
N ASN A 254 -6.17 23.10 5.06
CA ASN A 254 -5.97 24.28 5.90
C ASN A 254 -6.02 23.83 7.36
N GLY A 255 -4.86 23.70 8.01
CA GLY A 255 -4.76 23.29 9.41
C GLY A 255 -4.61 24.48 10.36
N SER A 256 -4.96 25.69 9.91
CA SER A 256 -4.82 26.89 10.72
C SER A 256 -6.02 27.03 11.67
N ASN A 257 -5.86 27.86 12.70
CA ASN A 257 -6.95 28.05 13.66
C ASN A 257 -8.06 28.91 13.10
N ALA A 258 -7.72 29.89 12.25
CA ALA A 258 -8.73 30.89 11.88
C ALA A 258 -8.50 31.48 10.49
N ARG A 259 -7.25 31.50 10.02
CA ARG A 259 -6.84 32.19 8.81
C ARG A 259 -7.28 31.41 7.59
N PRO A 260 -8.01 32.04 6.66
CA PRO A 260 -8.30 31.42 5.36
C PRO A 260 -7.26 31.88 4.36
N TYR A 261 -7.08 31.08 3.27
CA TYR A 261 -6.10 31.36 2.22
C TYR A 261 -6.83 31.49 0.89
N ARG A 262 -6.41 32.46 0.06
CA ARG A 262 -6.86 32.59 -1.32
C ARG A 262 -5.62 32.33 -2.16
N LEU A 263 -5.45 31.05 -2.64
CA LEU A 263 -4.19 30.59 -3.18
C LEU A 263 -4.18 30.58 -4.70
N ALA A 264 -3.07 31.06 -5.27
CA ALA A 264 -2.82 31.01 -6.70
C ALA A 264 -1.39 30.52 -6.91
N LEU A 265 -1.10 30.12 -8.15
CA LEU A 265 0.26 29.72 -8.55
C LEU A 265 0.80 30.76 -9.51
N LEU A 266 1.87 31.47 -9.10
CA LEU A 266 2.37 32.59 -9.87
C LEU A 266 3.64 32.18 -10.61
N ARG A 267 3.59 32.33 -11.93
CA ARG A 267 4.73 32.11 -12.82
C ARG A 267 5.10 33.51 -13.25
N GLY A 268 6.01 34.11 -12.54
CA GLY A 268 6.21 35.53 -12.63
C GLY A 268 5.02 36.24 -12.05
N ASN A 269 4.44 37.15 -12.83
CA ASN A 269 3.24 37.85 -12.42
C ASN A 269 1.99 37.19 -12.94
N GLN A 270 2.12 36.14 -13.71
CA GLN A 270 0.98 35.52 -14.36
C GLN A 270 0.50 34.33 -13.55
N ARG A 271 -0.82 34.19 -13.49
CA ARG A 271 -1.41 33.04 -12.83
C ARG A 271 -1.36 31.85 -13.76
N MET A 272 -0.89 30.76 -13.23
CA MET A 272 -0.82 29.47 -13.90
C MET A 272 -2.16 28.76 -13.68
N ARG A 273 -2.62 27.98 -14.66
CA ARG A 273 -3.87 27.25 -14.46
C ARG A 273 -3.62 26.04 -13.56
N PHE A 274 -4.64 25.57 -12.85
CA PHE A 274 -4.57 24.28 -12.18
C PHE A 274 -6.00 23.75 -12.01
N TRP A 275 -6.12 22.54 -11.49
CA TRP A 275 -7.42 21.87 -11.54
C TRP A 275 -7.85 21.44 -10.16
N VAL A 276 -9.08 21.76 -9.79
CA VAL A 276 -9.66 21.17 -8.58
C VAL A 276 -10.21 19.81 -8.96
N ILE A 277 -9.77 18.77 -8.25
CA ILE A 277 -10.25 17.42 -8.49
C ILE A 277 -10.98 16.82 -7.30
N GLY A 278 -10.89 17.43 -6.11
CA GLY A 278 -11.56 16.88 -4.94
C GLY A 278 -11.69 17.92 -3.85
N VAL A 279 -12.68 17.70 -2.98
CA VAL A 279 -12.94 18.58 -1.85
C VAL A 279 -13.08 17.70 -0.61
N GLU A 280 -13.61 18.25 0.50
CA GLU A 280 -13.60 17.47 1.75
C GLU A 280 -14.19 16.09 1.55
N GLY A 281 -15.23 15.99 0.74
CA GLY A 281 -16.00 14.78 0.66
C GLY A 281 -15.57 13.90 -0.47
N GLY A 282 -14.43 14.17 -1.08
CA GLY A 282 -13.85 13.30 -2.10
C GLY A 282 -13.76 13.92 -3.48
N LEU A 283 -13.64 13.05 -4.47
CA LEU A 283 -13.44 13.53 -5.84
C LEU A 283 -14.69 14.24 -6.36
N LEU A 284 -14.47 15.25 -7.18
CA LEU A 284 -15.54 15.82 -8.00
C LEU A 284 -15.89 14.83 -9.11
N ASP A 285 -16.93 15.16 -9.88
CA ASP A 285 -17.24 14.30 -11.01
C ASP A 285 -16.15 14.37 -12.08
N THR A 286 -15.69 15.55 -12.42
CA THR A 286 -14.64 15.73 -13.43
C THR A 286 -13.77 16.89 -12.98
N PRO A 287 -12.55 17.01 -13.49
CA PRO A 287 -11.68 18.09 -12.99
C PRO A 287 -12.25 19.47 -13.37
N LYS A 288 -12.03 20.44 -12.49
CA LYS A 288 -12.45 21.81 -12.74
C LYS A 288 -11.23 22.76 -12.77
N GLU A 289 -10.97 23.37 -13.92
CA GLU A 289 -9.83 24.26 -14.04
C GLU A 289 -10.10 25.62 -13.39
N VAL A 290 -9.13 26.09 -12.59
CA VAL A 290 -9.26 27.32 -11.84
C VAL A 290 -7.95 28.08 -11.97
N ASN A 291 -7.95 29.36 -11.51
CA ASN A 291 -6.71 30.08 -11.28
C ASN A 291 -6.53 30.54 -9.83
N GLU A 292 -7.48 30.23 -8.94
CA GLU A 292 -7.25 30.41 -7.50
C GLU A 292 -8.21 29.49 -6.76
N ILE A 293 -7.88 29.21 -5.47
CA ILE A 293 -8.81 28.52 -4.58
C ILE A 293 -8.83 29.22 -3.22
N LEU A 294 -10.03 29.28 -2.64
CA LEU A 294 -10.28 29.84 -1.33
C LEU A 294 -10.46 28.66 -0.37
N VAL A 295 -9.63 28.60 0.66
CA VAL A 295 -9.59 27.44 1.55
C VAL A 295 -9.63 27.92 2.99
N ALA A 296 -10.73 27.55 3.73
CA ALA A 296 -10.83 27.95 5.13
C ALA A 296 -10.45 26.79 6.03
N PRO A 297 -10.17 27.08 7.31
CA PRO A 297 -9.93 26.00 8.28
C PRO A 297 -11.00 24.93 8.20
N GLY A 298 -10.55 23.65 8.10
CA GLY A 298 -11.44 22.52 7.97
C GLY A 298 -11.66 22.08 6.54
N GLU A 299 -11.50 22.97 5.55
CA GLU A 299 -11.65 22.61 4.14
C GLU A 299 -10.39 21.89 3.67
N ARG A 300 -10.58 21.00 2.70
CA ARG A 300 -9.49 20.31 2.02
C ARG A 300 -9.71 20.39 0.53
N ILE A 301 -8.72 20.84 -0.24
CA ILE A 301 -8.90 20.92 -1.67
C ILE A 301 -7.78 20.14 -2.30
N ASP A 302 -8.13 19.12 -3.11
CA ASP A 302 -7.17 18.34 -3.91
C ASP A 302 -7.04 18.98 -5.29
N ILE A 303 -5.81 19.29 -5.70
CA ILE A 303 -5.59 19.92 -7.00
C ILE A 303 -4.58 19.11 -7.79
N LEU A 304 -4.65 19.27 -9.08
CA LEU A 304 -3.61 18.83 -9.98
C LEU A 304 -2.96 20.06 -10.58
N VAL A 305 -1.63 19.98 -10.69
CA VAL A 305 -0.81 21.01 -11.30
C VAL A 305 0.03 20.35 -12.39
N ASP A 306 0.08 20.96 -13.58
CA ASP A 306 0.83 20.44 -14.73
C ASP A 306 2.06 21.31 -14.95
N PHE A 307 3.19 20.90 -14.41
CA PHE A 307 4.33 21.79 -14.52
C PHE A 307 4.92 21.74 -15.92
N ARG A 308 4.37 20.92 -16.82
CA ARG A 308 4.75 21.13 -18.21
C ARG A 308 4.28 22.50 -18.72
N ASP A 309 3.35 23.16 -18.01
CA ASP A 309 3.00 24.56 -18.36
C ASP A 309 4.14 25.51 -18.10
N ALA A 310 5.12 25.12 -17.29
CA ALA A 310 6.24 25.96 -16.97
C ALA A 310 7.50 25.47 -17.69
N SER A 311 8.56 26.26 -17.62
CA SER A 311 9.84 25.94 -18.24
C SER A 311 10.82 25.54 -17.18
N VAL A 312 11.81 24.71 -17.59
CA VAL A 312 12.93 24.39 -16.70
C VAL A 312 13.52 25.67 -16.13
N ASN A 313 13.76 25.64 -14.83
CA ASN A 313 14.32 26.69 -14.01
C ASN A 313 13.28 27.75 -13.59
N ASP A 314 12.02 27.66 -14.02
CA ASP A 314 11.01 28.54 -13.42
C ASP A 314 10.88 28.29 -11.90
N VAL A 315 10.61 29.36 -11.17
CA VAL A 315 10.18 29.34 -9.78
C VAL A 315 8.72 29.74 -9.78
N ILE A 316 7.87 28.85 -9.28
CA ILE A 316 6.44 29.09 -9.27
C ILE A 316 6.04 29.31 -7.83
N LYS A 317 5.39 30.45 -7.54
CA LYS A 317 5.01 30.79 -6.17
C LYS A 317 3.60 30.28 -5.90
N LEU A 318 3.46 29.49 -4.83
CA LEU A 318 2.14 29.31 -4.24
C LEU A 318 1.87 30.55 -3.40
N TYR A 319 0.97 31.40 -3.85
CA TYR A 319 0.89 32.75 -3.32
C TYR A 319 -0.48 32.98 -2.71
N ASN A 320 -0.53 33.67 -1.57
CA ASN A 320 -1.80 33.96 -0.89
C ASN A 320 -2.26 35.37 -1.25
N PHE A 321 -3.43 35.49 -1.86
CA PHE A 321 -4.04 36.80 -2.10
C PHE A 321 -5.02 37.15 -0.98
N PRO A 322 -5.48 38.40 -0.90
CA PRO A 322 -6.40 38.76 0.17
C PRO A 322 -7.66 37.90 0.15
N HIS A 323 -8.06 37.39 1.31
CA HIS A 323 -9.24 36.53 1.32
C HIS A 323 -10.54 37.34 1.26
N ASN A 324 -10.51 38.59 1.75
CA ASN A 324 -11.68 39.50 1.74
C ASN A 324 -12.87 38.90 2.47
N LEU A 325 -12.63 38.10 3.49
CA LEU A 325 -13.72 37.44 4.22
C LEU A 325 -14.04 38.14 5.54
N ILE A 326 -13.44 39.27 5.79
CA ILE A 326 -13.65 39.99 7.04
C ILE A 326 -14.06 41.42 6.75
N MET A 353 -11.75 44.97 17.37
CA MET A 353 -11.33 43.93 18.30
C MET A 353 -11.05 42.58 17.57
N GLY A 354 -9.78 42.37 17.19
CA GLY A 354 -9.30 41.13 16.58
C GLY A 354 -7.86 41.25 16.15
N MET A 355 -7.28 40.12 15.80
CA MET A 355 -5.89 40.05 15.31
C MET A 355 -5.79 39.68 13.82
N ALA A 356 -6.91 39.74 13.08
CA ALA A 356 -6.94 39.31 11.67
C ALA A 356 -6.21 40.28 10.76
N ASP A 357 -5.78 39.79 9.62
CA ASP A 357 -5.29 40.65 8.57
C ASP A 357 -5.86 40.16 7.25
N ASN A 358 -5.64 40.96 6.21
CA ASN A 358 -6.14 40.68 4.87
C ASN A 358 -5.00 40.83 3.88
N SER A 359 -3.81 40.42 4.31
CA SER A 359 -2.63 40.71 3.50
C SER A 359 -2.36 39.57 2.52
N GLU A 360 -1.48 39.87 1.57
CA GLU A 360 -1.01 38.90 0.61
C GLU A 360 0.45 38.55 0.92
N PHE A 361 0.84 37.33 0.57
CA PHE A 361 2.17 36.88 0.94
C PHE A 361 2.42 35.56 0.25
N GLU A 362 3.71 35.24 0.07
CA GLU A 362 4.06 33.93 -0.46
C GLU A 362 3.89 32.85 0.61
N VAL A 363 3.42 31.69 0.19
CA VAL A 363 3.28 30.52 1.04
C VAL A 363 4.43 29.56 0.83
N MET A 364 4.72 29.19 -0.41
CA MET A 364 5.90 28.36 -0.69
C MET A 364 6.21 28.50 -2.17
N GLU A 365 7.25 27.82 -2.65
CA GLU A 365 7.59 27.94 -4.07
C GLU A 365 7.99 26.57 -4.61
N PHE A 366 7.68 26.37 -5.89
CA PHE A 366 8.04 25.18 -6.64
C PHE A 366 9.15 25.57 -7.60
N ARG A 367 10.19 24.77 -7.60
CA ARG A 367 11.31 24.96 -8.49
C ARG A 367 11.31 23.85 -9.55
N VAL A 368 11.17 24.26 -10.82
CA VAL A 368 11.11 23.33 -11.96
C VAL A 368 12.54 22.99 -12.37
N THR A 369 13.01 21.81 -12.00
CA THR A 369 14.43 21.58 -12.16
C THR A 369 14.77 20.81 -13.42
N LYS A 370 13.81 20.13 -14.02
CA LYS A 370 14.11 19.01 -14.89
C LYS A 370 12.88 18.71 -15.70
N ASP A 371 13.10 18.21 -16.91
CA ASP A 371 12.10 17.67 -17.79
C ASP A 371 11.74 16.24 -17.37
N SER A 372 10.71 15.70 -17.99
CA SER A 372 10.31 14.33 -17.69
C SER A 372 9.82 13.71 -18.99
N ALA A 373 9.90 12.39 -19.11
CA ALA A 373 9.29 11.87 -20.35
C ALA A 373 7.76 11.81 -20.26
N TYR A 374 7.20 12.24 -19.15
CA TYR A 374 5.78 12.14 -18.80
C TYR A 374 4.81 12.63 -19.87
N ASP A 375 3.91 11.76 -20.29
CA ASP A 375 2.96 12.10 -21.33
C ASP A 375 1.53 11.72 -20.93
N LYS A 376 1.21 11.68 -19.65
CA LYS A 376 -0.18 11.39 -19.30
C LYS A 376 -1.02 12.65 -19.41
N SER A 377 -2.33 12.45 -19.51
CA SER A 377 -3.28 13.55 -19.58
C SER A 377 -4.20 13.60 -18.35
N ILE A 378 -4.66 14.79 -18.02
CA ILE A 378 -5.69 14.90 -16.97
C ILE A 378 -6.92 14.11 -17.41
N PRO A 379 -7.48 13.22 -16.60
CA PRO A 379 -8.57 12.36 -17.06
C PRO A 379 -9.82 13.16 -17.34
N GLN A 380 -10.67 12.60 -18.22
CA GLN A 380 -11.92 13.31 -18.48
C GLN A 380 -12.87 13.16 -17.34
N ARG A 381 -12.79 12.05 -16.60
CA ARG A 381 -13.71 11.83 -15.50
C ARG A 381 -12.96 11.31 -14.28
N LEU A 382 -13.52 11.62 -13.11
CA LEU A 382 -12.92 11.23 -11.84
C LEU A 382 -13.77 10.25 -11.05
N SER A 383 -15.10 10.49 -10.92
CA SER A 383 -15.99 9.74 -10.02
C SER A 383 -17.44 10.08 -10.37
N GLU A 384 -18.37 9.40 -9.71
CA GLU A 384 -19.79 9.74 -9.74
C GLU A 384 -20.16 10.54 -8.50
N VAL A 385 -20.82 11.68 -8.69
CA VAL A 385 -21.37 12.44 -7.58
C VAL A 385 -22.87 12.53 -7.84
N THR A 386 -23.67 11.89 -7.00
CA THR A 386 -25.12 11.87 -7.16
C THR A 386 -25.78 13.10 -6.53
N PRO A 387 -26.56 13.87 -7.27
CA PRO A 387 -27.22 15.02 -6.65
C PRO A 387 -28.19 14.55 -5.58
N ILE A 388 -28.18 15.25 -4.44
CA ILE A 388 -29.19 14.99 -3.44
C ILE A 388 -30.56 15.40 -3.96
N ASN A 389 -31.57 14.56 -3.75
CA ASN A 389 -32.94 14.94 -4.09
C ASN A 389 -33.56 15.78 -2.98
N THR A 390 -33.77 17.06 -3.24
CA THR A 390 -34.28 17.90 -2.17
C THR A 390 -35.77 18.06 -2.23
N ASP A 391 -36.47 17.26 -3.06
CA ASP A 391 -37.93 17.44 -3.18
C ASP A 391 -38.52 17.19 -1.82
N GLY A 392 -39.33 18.14 -1.33
CA GLY A 392 -39.95 18.02 -0.03
C GLY A 392 -39.05 18.23 1.16
N ALA A 393 -37.82 18.68 0.97
CA ALA A 393 -36.90 18.79 2.09
C ALA A 393 -37.35 19.91 3.03
N GLN A 394 -37.26 19.67 4.32
CA GLN A 394 -37.58 20.77 5.22
C GLN A 394 -36.36 21.67 5.39
N VAL A 395 -36.61 22.95 5.62
CA VAL A 395 -35.55 23.93 5.83
C VAL A 395 -35.36 24.13 7.33
N GLN A 396 -34.10 24.10 7.74
CA GLN A 396 -33.65 24.32 9.11
C GLN A 396 -32.79 25.59 9.06
N ARG A 397 -33.32 26.73 9.52
CA ARG A 397 -32.56 27.98 9.50
C ARG A 397 -31.55 28.00 10.64
N ILE A 398 -30.31 28.35 10.36
CA ILE A 398 -29.26 28.36 11.36
C ILE A 398 -28.70 29.77 11.31
N THR A 399 -29.08 30.59 12.28
CA THR A 399 -28.75 32.00 12.29
C THR A 399 -27.52 32.23 13.16
N LEU A 400 -26.47 32.79 12.55
CA LEU A 400 -25.22 33.14 13.25
C LEU A 400 -25.31 34.57 13.73
N GLY A 401 -25.15 34.78 15.04
CA GLY A 401 -25.21 36.13 15.58
C GLY A 401 -24.19 36.34 16.66
N MET A 402 -24.31 37.43 17.40
CA MET A 402 -23.53 37.62 18.61
C MET A 402 -24.37 38.27 19.69
N ARG A 403 -24.11 37.84 20.90
CA ARG A 403 -24.75 38.33 22.11
C ARG A 403 -23.60 38.65 23.07
N ARG A 404 -23.32 39.95 23.23
CA ARG A 404 -22.30 40.48 24.13
C ARG A 404 -20.94 39.81 23.86
N MET A 405 -20.46 40.08 22.65
CA MET A 405 -19.10 39.74 22.24
C MET A 405 -18.83 38.21 22.23
N VAL A 406 -19.87 37.39 22.13
CA VAL A 406 -19.73 35.97 21.89
C VAL A 406 -20.59 35.60 20.70
N PHE A 407 -20.09 34.73 19.83
CA PHE A 407 -20.87 34.30 18.66
C PHE A 407 -21.92 33.28 19.09
N THR A 408 -23.08 33.30 18.41
CA THR A 408 -24.23 32.50 18.76
C THR A 408 -24.77 31.76 17.54
N ILE A 409 -25.42 30.63 17.83
CA ILE A 409 -26.15 29.84 16.83
C ILE A 409 -27.58 29.81 17.33
N ASN A 410 -28.48 30.39 16.53
CA ASN A 410 -29.88 30.56 16.95
C ASN A 410 -29.94 31.10 18.36
N GLY A 411 -29.14 32.13 18.60
CA GLY A 411 -29.16 32.84 19.85
C GLY A 411 -28.53 32.13 21.04
N GLU A 412 -27.97 30.93 20.84
CA GLU A 412 -27.37 30.15 21.91
C GLU A 412 -25.89 29.89 21.71
N THR A 413 -25.26 29.44 22.79
CA THR A 413 -23.94 28.83 22.71
C THR A 413 -23.97 27.44 23.34
N TRP A 414 -22.85 26.74 23.16
CA TRP A 414 -22.65 25.44 23.78
C TRP A 414 -22.90 25.54 25.28
N GLU A 415 -22.56 26.67 25.87
CA GLU A 415 -22.70 26.84 27.29
C GLU A 415 -24.11 27.11 27.73
N ASP A 416 -25.08 27.14 26.79
CA ASP A 416 -26.50 27.31 27.13
C ASP A 416 -27.23 25.98 27.17
N GLY A 417 -26.65 24.99 27.87
CA GLY A 417 -27.36 23.75 28.15
C GLY A 417 -26.80 22.54 27.48
N TYR A 418 -25.78 22.69 26.60
CA TYR A 418 -25.17 21.56 25.91
C TYR A 418 -23.95 20.99 26.62
N ALA A 419 -23.30 21.77 27.50
CA ALA A 419 -21.94 21.43 27.92
C ALA A 419 -21.90 20.30 28.95
N ASN A 420 -22.92 20.17 29.80
CA ASN A 420 -22.89 19.22 30.91
C ASN A 420 -24.18 18.43 30.97
N PRO A 421 -24.48 17.64 29.97
CA PRO A 421 -25.74 16.91 30.00
C PRO A 421 -25.77 15.95 31.18
N GLN A 422 -26.98 15.75 31.73
CA GLN A 422 -27.13 14.76 32.80
C GLN A 422 -26.94 13.37 32.25
N ASP A 423 -27.30 13.16 30.99
CA ASP A 423 -27.19 11.87 30.28
C ASP A 423 -26.51 12.12 28.93
N ILE A 424 -25.23 11.74 28.79
CA ILE A 424 -24.54 12.11 27.55
C ILE A 424 -25.20 11.49 26.36
N ASN A 425 -25.94 10.39 26.53
CA ASN A 425 -26.61 9.79 25.39
C ASN A 425 -27.85 10.55 24.96
N ASN A 426 -28.37 11.46 25.79
CA ASN A 426 -29.58 12.23 25.47
C ASN A 426 -29.34 13.65 25.89
N PRO A 427 -28.45 14.35 25.20
CA PRO A 427 -28.16 15.73 25.57
C PRO A 427 -29.12 16.70 24.90
N LYS A 428 -29.00 17.97 25.24
CA LYS A 428 -29.73 18.94 24.44
C LYS A 428 -29.29 18.83 22.99
N VAL A 429 -30.25 18.98 22.07
CA VAL A 429 -30.00 19.05 20.64
C VAL A 429 -30.73 20.28 20.08
N LEU A 430 -30.11 20.96 19.10
CA LEU A 430 -30.77 22.13 18.50
C LEU A 430 -31.95 21.70 17.60
N PHE A 431 -31.80 20.56 16.91
CA PHE A 431 -32.85 20.00 16.07
C PHE A 431 -32.58 18.50 15.93
N GLU A 432 -33.60 17.78 15.47
CA GLU A 432 -33.57 16.34 15.48
C GLU A 432 -34.15 15.85 14.17
N GLN A 433 -33.57 14.79 13.61
CA GLN A 433 -34.04 14.28 12.33
C GLN A 433 -34.16 12.76 12.39
N ASN A 434 -34.95 12.22 11.47
CA ASN A 434 -35.00 10.79 11.31
C ASN A 434 -34.03 10.34 10.24
N ASN A 435 -33.55 9.11 10.41
CA ASN A 435 -32.61 8.46 9.49
C ASN A 435 -33.20 8.44 8.09
N GLY A 436 -32.48 8.99 7.12
CA GLY A 436 -33.03 9.16 5.80
C GLY A 436 -33.65 10.53 5.50
N ASP A 437 -33.86 11.41 6.51
CA ASP A 437 -34.37 12.74 6.17
C ASP A 437 -33.39 13.47 5.25
N VAL A 438 -33.90 14.18 4.25
CA VAL A 438 -33.14 15.20 3.52
C VAL A 438 -33.55 16.55 4.11
N VAL A 439 -32.56 17.31 4.59
CA VAL A 439 -32.78 18.59 5.25
C VAL A 439 -32.00 19.62 4.46
N ILE A 440 -32.52 20.84 4.39
CA ILE A 440 -31.75 21.97 3.89
C ILE A 440 -31.40 22.78 5.12
N LEU A 441 -30.11 22.98 5.35
CA LEU A 441 -29.64 23.86 6.42
C LEU A 441 -29.41 25.20 5.78
N GLU A 442 -30.02 26.24 6.32
CA GLU A 442 -29.84 27.58 5.79
C GLU A 442 -29.12 28.44 6.82
N TYR A 443 -27.83 28.69 6.56
CA TYR A 443 -27.00 29.54 7.40
C TYR A 443 -27.25 30.99 7.03
N VAL A 444 -27.54 31.79 8.03
CA VAL A 444 -27.75 33.21 7.85
C VAL A 444 -26.72 33.89 8.75
N ASN A 445 -25.66 34.44 8.16
CA ASN A 445 -24.59 35.06 8.93
C ASN A 445 -24.93 36.54 9.22
N ASN A 446 -25.50 36.80 10.38
CA ASN A 446 -25.77 38.19 10.79
C ASN A 446 -24.62 38.76 11.59
N THR A 447 -23.39 38.47 11.22
CA THR A 447 -22.23 39.02 11.90
C THR A 447 -21.28 39.56 10.85
N GLY A 448 -20.27 40.27 11.31
CA GLY A 448 -19.34 40.93 10.42
C GLY A 448 -18.10 40.15 10.11
N THR A 449 -18.07 38.85 10.42
CA THR A 449 -16.90 38.08 10.09
C THR A 449 -17.37 36.75 9.52
N TYR A 450 -16.54 36.12 8.69
CA TYR A 450 -16.94 34.85 8.10
C TYR A 450 -16.90 33.73 9.14
N HIS A 451 -17.70 32.64 8.87
CA HIS A 451 -17.64 31.45 9.72
C HIS A 451 -17.60 30.23 8.80
N PRO A 452 -16.58 29.39 8.89
CA PRO A 452 -16.59 28.14 8.10
C PRO A 452 -17.36 27.08 8.86
N MET A 453 -18.64 26.87 8.47
CA MET A 453 -19.57 26.03 9.25
C MET A 453 -19.45 24.57 8.82
N HIS A 454 -19.24 23.69 9.80
CA HIS A 454 -18.92 22.29 9.63
C HIS A 454 -19.99 21.47 10.37
N ILE A 455 -20.41 20.35 9.80
CA ILE A 455 -21.22 19.37 10.53
C ILE A 455 -20.45 18.07 10.59
N HIS A 456 -20.53 17.41 11.75
CA HIS A 456 -20.08 16.02 11.85
C HIS A 456 -21.14 15.11 11.22
N GLY A 457 -20.73 13.87 10.93
CA GLY A 457 -21.64 12.79 10.62
C GLY A 457 -21.93 12.57 9.16
N PHE A 458 -22.03 13.66 8.38
CA PHE A 458 -22.41 13.58 6.96
C PHE A 458 -21.65 14.62 6.17
N GLN A 459 -21.40 14.33 4.86
CA GLN A 459 -21.09 15.40 3.92
C GLN A 459 -22.38 16.06 3.46
N PHE A 460 -22.28 17.12 2.66
CA PHE A 460 -23.47 17.78 2.17
C PHE A 460 -23.16 18.38 0.79
N GLN A 461 -24.20 18.89 0.12
CA GLN A 461 -24.04 19.56 -1.16
C GLN A 461 -24.49 21.00 -1.02
N VAL A 462 -23.64 21.92 -1.46
CA VAL A 462 -23.97 23.33 -1.37
C VAL A 462 -24.99 23.63 -2.46
N LEU A 463 -26.13 24.18 -2.06
CA LEU A 463 -27.19 24.49 -3.01
C LEU A 463 -27.09 25.90 -3.57
N GLU A 464 -26.76 26.89 -2.74
CA GLU A 464 -26.90 28.28 -3.16
C GLU A 464 -26.19 29.19 -2.17
N ARG A 465 -25.60 30.29 -2.68
CA ARG A 465 -25.05 31.37 -1.86
C ARG A 465 -25.74 32.67 -2.22
N SER A 466 -25.98 33.54 -1.23
CA SER A 466 -26.71 34.77 -1.53
C SER A 466 -25.82 35.80 -2.25
N LEU A 467 -24.50 35.70 -2.06
CA LEU A 467 -23.52 36.62 -2.58
C LEU A 467 -22.99 36.23 -3.96
N GLY A 468 -23.41 35.12 -4.52
CA GLY A 468 -22.84 34.75 -5.79
C GLY A 468 -23.01 33.29 -6.11
N PRO A 469 -22.47 32.88 -7.24
CA PRO A 469 -22.64 31.51 -7.72
C PRO A 469 -21.59 30.62 -7.08
N LEU A 470 -21.76 29.33 -7.32
CA LEU A 470 -20.89 28.31 -6.76
C LEU A 470 -19.65 28.16 -7.64
N GLY A 471 -18.48 28.32 -7.04
CA GLY A 471 -17.23 27.99 -7.70
C GLY A 471 -16.74 26.57 -7.33
N ALA A 472 -15.60 26.20 -7.93
CA ALA A 472 -15.16 24.83 -7.95
C ALA A 472 -15.02 24.29 -6.54
N THR A 473 -14.57 25.11 -5.60
CA THR A 473 -14.30 24.55 -4.28
C THR A 473 -15.57 24.31 -3.48
N ASP A 474 -16.74 24.77 -3.96
CA ASP A 474 -18.02 24.41 -3.35
C ASP A 474 -18.77 23.32 -4.09
N LEU A 475 -18.20 22.71 -5.11
CA LEU A 475 -18.93 21.66 -5.81
C LEU A 475 -18.73 20.35 -5.09
N GLY A 476 -19.35 19.31 -5.61
CA GLY A 476 -19.11 17.99 -5.05
C GLY A 476 -19.70 17.82 -3.66
N TRP A 477 -19.05 16.96 -2.88
CA TRP A 477 -19.47 16.64 -1.53
C TRP A 477 -18.59 17.41 -0.54
N LYS A 478 -19.20 18.28 0.26
CA LYS A 478 -18.48 19.13 1.19
C LYS A 478 -18.77 18.74 2.64
N ASP A 479 -17.88 19.17 3.56
CA ASP A 479 -18.20 19.05 4.98
C ASP A 479 -17.96 20.33 5.78
N THR A 480 -17.37 21.36 5.15
CA THR A 480 -17.19 22.70 5.73
C THR A 480 -17.48 23.76 4.67
N VAL A 481 -18.36 24.75 4.97
CA VAL A 481 -18.74 25.75 3.98
C VAL A 481 -18.49 27.15 4.54
N ILE A 482 -17.76 27.95 3.78
CA ILE A 482 -17.55 29.34 4.15
C ILE A 482 -18.86 30.11 4.07
N VAL A 483 -19.22 30.79 5.15
CA VAL A 483 -20.38 31.69 5.17
C VAL A 483 -19.83 33.07 5.46
N ALA A 484 -19.73 33.90 4.43
CA ALA A 484 -19.14 35.21 4.56
C ALA A 484 -20.04 36.17 5.34
N PRO A 485 -19.48 37.31 5.77
CA PRO A 485 -20.29 38.26 6.53
C PRO A 485 -21.57 38.60 5.78
N MET A 486 -22.71 38.55 6.47
CA MET A 486 -24.00 38.94 5.91
C MET A 486 -24.46 38.02 4.77
N GLU A 487 -23.83 36.88 4.56
CA GLU A 487 -24.24 35.97 3.51
C GLU A 487 -25.24 34.93 4.04
N THR A 488 -26.15 34.48 3.17
CA THR A 488 -26.97 33.32 3.46
C THR A 488 -26.55 32.19 2.53
N VAL A 489 -26.34 30.99 3.09
CA VAL A 489 -25.90 29.82 2.33
C VAL A 489 -26.81 28.65 2.66
N ARG A 490 -27.31 27.97 1.62
CA ARG A 490 -28.17 26.79 1.76
C ARG A 490 -27.39 25.55 1.33
N ILE A 491 -27.38 24.56 2.19
CA ILE A 491 -26.74 23.29 1.88
C ILE A 491 -27.79 22.22 2.07
N ALA A 492 -27.67 21.14 1.30
CA ALA A 492 -28.57 20.01 1.40
C ALA A 492 -27.82 18.85 2.03
N VAL A 493 -28.46 18.23 3.03
CA VAL A 493 -27.88 17.11 3.77
C VAL A 493 -28.82 15.90 3.66
N ASP A 494 -28.30 14.81 3.11
CA ASP A 494 -28.99 13.52 3.14
C ASP A 494 -28.53 12.78 4.42
N MET A 495 -29.36 12.80 5.46
CA MET A 495 -28.95 12.28 6.77
C MET A 495 -29.29 10.79 6.86
N SER A 496 -28.73 10.01 5.94
CA SER A 496 -28.89 8.55 5.95
C SER A 496 -27.64 7.92 6.53
N HIS A 497 -27.80 7.04 7.52
CA HIS A 497 -26.65 6.39 8.10
C HIS A 497 -26.97 4.91 8.30
N PRO A 498 -25.94 4.07 8.39
CA PRO A 498 -26.14 2.63 8.58
C PRO A 498 -26.14 2.18 10.03
N TYR A 499 -26.24 3.06 11.02
CA TYR A 499 -26.10 2.65 12.41
C TYR A 499 -27.47 2.35 12.97
N ASN A 500 -27.51 1.55 14.01
CA ASN A 500 -28.78 1.07 14.53
C ASN A 500 -29.18 1.75 15.81
N GLU A 501 -28.51 2.83 16.17
CA GLU A 501 -28.84 3.67 17.30
C GLU A 501 -28.87 5.12 16.85
N HIS A 502 -29.57 5.95 17.60
CA HIS A 502 -29.53 7.37 17.29
C HIS A 502 -28.11 7.91 17.39
N GLN A 503 -27.84 9.01 16.68
CA GLN A 503 -26.52 9.65 16.60
C GLN A 503 -26.62 11.06 17.14
N ILE A 504 -25.63 11.50 17.90
CA ILE A 504 -25.51 12.88 18.34
C ILE A 504 -24.30 13.43 17.61
N TYR A 505 -24.53 14.35 16.69
CA TYR A 505 -23.47 14.94 15.87
C TYR A 505 -23.36 16.43 16.13
N LEU A 506 -22.15 16.95 16.05
CA LEU A 506 -21.95 18.39 16.25
C LEU A 506 -22.24 19.19 14.98
N LEU A 507 -22.65 20.43 15.16
CA LEU A 507 -22.67 21.41 14.10
C LEU A 507 -21.95 22.63 14.68
N HIS A 508 -20.89 23.12 14.02
CA HIS A 508 -20.15 24.20 14.67
C HIS A 508 -19.28 24.95 13.67
N CYS A 509 -18.79 26.09 14.13
CA CYS A 509 -17.84 26.88 13.35
C CYS A 509 -16.45 26.24 13.46
N HIS A 510 -15.71 26.25 12.34
CA HIS A 510 -14.38 25.69 12.37
C HIS A 510 -13.28 26.75 12.52
N ILE A 511 -13.63 27.99 12.84
CA ILE A 511 -12.63 28.85 13.46
C ILE A 511 -12.48 28.33 14.89
N LEU A 512 -11.30 27.77 15.20
CA LEU A 512 -11.17 26.99 16.44
C LEU A 512 -11.38 27.84 17.72
N GLU A 513 -11.01 29.12 17.73
CA GLU A 513 -11.36 29.98 18.88
C GLU A 513 -12.87 30.19 18.99
N HIS A 514 -13.61 30.26 17.85
CA HIS A 514 -15.07 30.33 17.94
C HIS A 514 -15.61 29.04 18.51
N HIS A 515 -15.16 27.91 17.97
CA HIS A 515 -15.51 26.61 18.56
C HIS A 515 -15.25 26.63 20.07
N ASP A 516 -14.04 27.05 20.48
CA ASP A 516 -13.73 26.99 21.91
C ASP A 516 -14.63 27.92 22.70
N GLU A 517 -15.09 29.02 22.13
CA GLU A 517 -15.94 29.92 22.89
C GLU A 517 -17.37 29.47 22.91
N GLY A 518 -17.68 28.36 22.26
CA GLY A 518 -19.00 27.80 22.31
C GLY A 518 -19.82 27.96 21.07
N MET A 519 -19.23 28.32 19.94
CA MET A 519 -20.04 28.41 18.72
C MET A 519 -20.28 27.00 18.13
N MET A 520 -21.12 26.24 18.82
CA MET A 520 -21.23 24.80 18.58
C MET A 520 -22.52 24.32 19.23
N VAL A 521 -23.21 23.36 18.59
CA VAL A 521 -24.42 22.73 19.11
C VAL A 521 -24.33 21.26 18.73
N ASN A 522 -25.18 20.44 19.39
CA ASN A 522 -25.50 19.09 18.95
C ASN A 522 -26.70 19.13 18.04
N TYR A 523 -26.78 18.16 17.14
CA TYR A 523 -28.07 17.82 16.53
C TYR A 523 -28.20 16.32 16.57
N ARG A 524 -29.41 15.82 16.36
CA ARG A 524 -29.67 14.38 16.51
C ARG A 524 -30.29 13.76 15.26
N VAL A 525 -29.81 12.56 14.92
CA VAL A 525 -30.41 11.76 13.86
C VAL A 525 -30.72 10.39 14.45
N ASN A 526 -31.98 10.01 14.42
CA ASN A 526 -32.39 8.75 15.01
C ASN A 526 -31.99 7.57 14.13
N ALA A 527 -32.08 6.38 14.72
CA ALA A 527 -31.59 5.14 14.12
C ALA A 527 -32.30 4.77 12.83
N SER B 45 -18.19 -19.33 1.24
CA SER B 45 -18.13 -20.76 0.96
C SER B 45 -16.76 -21.12 0.46
N LYS B 46 -16.28 -22.24 0.94
CA LYS B 46 -15.00 -22.72 0.45
C LYS B 46 -15.18 -23.20 -0.98
N GLN B 47 -14.21 -22.89 -1.84
CA GLN B 47 -14.20 -23.32 -3.23
C GLN B 47 -13.29 -24.54 -3.39
N SER B 48 -13.66 -25.43 -4.31
CA SER B 48 -12.77 -26.53 -4.62
C SER B 48 -11.52 -25.96 -5.28
N LEU B 49 -10.36 -26.44 -4.84
CA LEU B 49 -9.08 -26.00 -5.38
C LEU B 49 -9.04 -26.19 -6.89
N ASN B 50 -8.68 -25.14 -7.62
CA ASN B 50 -8.40 -25.27 -9.05
C ASN B 50 -7.03 -25.91 -9.29
N ILE B 51 -6.97 -26.78 -10.30
CA ILE B 51 -5.73 -27.42 -10.75
C ILE B 51 -5.37 -26.81 -12.11
N PRO B 52 -4.19 -26.22 -12.29
CA PRO B 52 -3.75 -25.78 -13.62
C PRO B 52 -3.80 -26.90 -14.64
N GLY B 53 -4.01 -26.53 -15.90
CA GLY B 53 -3.79 -27.44 -17.00
C GLY B 53 -2.31 -27.68 -17.17
N TYR B 54 -1.97 -28.54 -18.13
CA TYR B 54 -0.55 -28.82 -18.36
C TYR B 54 -0.28 -28.79 -19.85
N SER B 55 0.99 -28.61 -20.19
CA SER B 55 1.41 -28.48 -21.56
C SER B 55 2.71 -29.23 -21.66
N LEU B 56 2.75 -30.24 -22.52
CA LEU B 56 3.94 -31.05 -22.73
C LEU B 56 4.72 -30.42 -23.86
N PHE B 57 5.79 -29.72 -23.55
CA PHE B 57 6.61 -29.12 -24.59
C PHE B 57 7.32 -30.21 -25.38
N SER B 58 7.06 -30.30 -26.68
CA SER B 58 7.78 -31.30 -27.48
C SER B 58 9.27 -31.01 -27.54
N ASP B 59 10.05 -32.07 -27.72
CA ASP B 59 11.50 -31.98 -27.80
C ASP B 59 11.89 -31.27 -29.10
N GLY B 60 12.25 -29.99 -29.02
CA GLY B 60 12.73 -29.24 -30.18
C GLY B 60 11.70 -28.52 -31.05
N GLN B 61 10.38 -28.68 -30.82
CA GLN B 61 9.38 -27.94 -31.59
C GLN B 61 9.08 -26.64 -30.88
N ARG B 62 9.01 -25.55 -31.64
CA ARG B 62 8.94 -24.22 -31.04
C ARG B 62 7.52 -23.91 -30.59
N VAL B 63 7.39 -23.61 -29.31
CA VAL B 63 6.12 -23.33 -28.66
C VAL B 63 5.94 -21.83 -28.52
N SER B 64 4.77 -21.31 -28.86
CA SER B 64 4.47 -19.90 -28.65
C SER B 64 3.78 -19.69 -27.33
N ILE B 65 4.28 -18.74 -26.55
CA ILE B 65 3.69 -18.36 -25.27
C ILE B 65 3.30 -16.89 -25.36
N THR B 66 2.01 -16.58 -25.25
CA THR B 66 1.54 -15.21 -25.38
C THR B 66 1.17 -14.63 -24.02
N ALA B 67 1.72 -13.46 -23.67
CA ALA B 67 1.23 -12.73 -22.49
C ALA B 67 0.15 -11.78 -22.97
N LYS B 68 -1.03 -11.88 -22.38
CA LYS B 68 -2.14 -11.04 -22.81
C LYS B 68 -3.05 -10.79 -21.62
N TRP B 69 -3.88 -9.75 -21.75
CA TRP B 69 -4.88 -9.39 -20.74
C TRP B 69 -6.18 -10.14 -20.99
N THR B 70 -6.85 -10.51 -19.92
CA THR B 70 -8.17 -11.13 -20.08
C THR B 70 -8.98 -10.79 -18.85
N THR B 71 -10.16 -11.41 -18.72
CA THR B 71 -10.97 -11.28 -17.52
C THR B 71 -11.19 -12.66 -16.95
N LEU B 72 -10.96 -12.84 -15.64
CA LEU B 72 -11.14 -14.12 -14.99
C LEU B 72 -12.06 -13.96 -13.79
N GLU B 73 -12.79 -15.02 -13.44
CA GLU B 73 -13.59 -15.00 -12.22
C GLU B 73 -12.75 -15.63 -11.12
N VAL B 74 -12.21 -14.80 -10.22
CA VAL B 74 -11.41 -15.29 -9.10
C VAL B 74 -12.19 -15.25 -7.80
N ILE B 75 -12.71 -14.08 -7.42
CA ILE B 75 -13.66 -13.97 -6.32
C ILE B 75 -15.02 -14.36 -6.90
N PRO B 76 -15.72 -15.34 -6.34
CA PRO B 76 -16.97 -15.83 -6.96
C PRO B 76 -17.91 -14.67 -7.26
N GLY B 77 -18.53 -14.70 -8.44
CA GLY B 77 -19.48 -13.66 -8.76
C GLY B 77 -18.87 -12.33 -9.18
N LYS B 78 -17.54 -12.19 -9.20
CA LYS B 78 -16.85 -10.97 -9.60
C LYS B 78 -15.90 -11.25 -10.75
N SER B 79 -15.64 -10.21 -11.53
CA SER B 79 -14.69 -10.22 -12.62
C SER B 79 -13.43 -9.51 -12.21
N THR B 80 -12.29 -10.04 -12.61
CA THR B 80 -10.98 -9.44 -12.38
C THR B 80 -10.21 -9.43 -13.69
N ASP B 81 -9.73 -8.27 -14.10
CA ASP B 81 -8.83 -8.20 -15.27
C ASP B 81 -7.45 -8.63 -14.85
N MET B 82 -6.88 -9.58 -15.59
CA MET B 82 -5.58 -10.19 -15.28
C MET B 82 -4.79 -10.47 -16.54
N LEU B 83 -3.48 -10.51 -16.38
CA LEU B 83 -2.58 -11.05 -17.38
C LEU B 83 -2.53 -12.56 -17.24
N VAL B 84 -2.38 -13.25 -18.36
CA VAL B 84 -2.15 -14.70 -18.41
C VAL B 84 -1.12 -14.96 -19.48
N TYR B 85 -0.36 -16.03 -19.29
CA TYR B 85 0.38 -16.66 -20.38
C TYR B 85 -0.55 -17.69 -21.02
N GLU B 86 -0.75 -17.53 -22.31
CA GLU B 86 -1.53 -18.49 -23.08
C GLU B 86 -0.56 -19.42 -23.79
N ILE B 87 -0.65 -20.71 -23.51
CA ILE B 87 0.14 -21.73 -24.16
C ILE B 87 -0.82 -22.84 -24.56
N ASP B 88 -0.79 -23.25 -25.84
CA ASP B 88 -1.59 -24.38 -26.30
C ASP B 88 -3.05 -24.21 -25.88
N ASN B 89 -3.57 -23.01 -25.91
CA ASN B 89 -4.95 -22.84 -25.48
C ASN B 89 -5.21 -23.11 -24.00
N GLU B 90 -4.23 -22.83 -23.14
CA GLU B 90 -4.41 -22.88 -21.70
C GLU B 90 -3.78 -21.64 -21.11
N TYR B 91 -4.28 -21.22 -19.96
CA TYR B 91 -3.71 -20.05 -19.29
C TYR B 91 -2.82 -20.53 -18.17
N ASN B 92 -1.57 -20.11 -18.16
CA ASN B 92 -0.64 -20.47 -17.09
C ASN B 92 -0.63 -21.97 -16.79
N PRO B 93 -0.54 -22.83 -17.79
CA PRO B 93 -0.44 -24.26 -17.52
C PRO B 93 0.92 -24.59 -16.91
N VAL B 94 0.98 -25.76 -16.29
CA VAL B 94 2.26 -26.33 -15.92
C VAL B 94 3.00 -26.77 -17.18
N ILE B 95 4.21 -26.28 -17.34
CA ILE B 95 5.03 -26.75 -18.46
C ILE B 95 5.74 -28.05 -18.06
N PHE B 96 5.47 -29.13 -18.79
CA PHE B 96 6.17 -30.40 -18.56
C PHE B 96 7.35 -30.52 -19.54
N LEU B 97 8.53 -30.87 -18.99
CA LEU B 97 9.74 -31.08 -19.78
C LEU B 97 10.44 -32.36 -19.34
N ARG B 98 11.18 -32.96 -20.25
CA ARG B 98 12.04 -34.09 -19.94
C ARG B 98 13.50 -33.65 -19.93
N LYS B 99 14.24 -34.00 -18.88
CA LYS B 99 15.67 -33.71 -18.86
C LYS B 99 16.32 -34.29 -20.11
N GLY B 100 17.20 -33.52 -20.73
CA GLY B 100 17.78 -33.93 -21.98
C GLY B 100 17.08 -33.37 -23.21
N GLN B 101 15.82 -32.93 -23.13
CA GLN B 101 15.16 -32.46 -24.35
C GLN B 101 15.65 -31.06 -24.74
N THR B 102 15.35 -30.69 -25.98
CA THR B 102 15.60 -29.35 -26.44
C THR B 102 14.41 -28.48 -26.09
N PHE B 103 14.69 -27.30 -25.54
CA PHE B 103 13.67 -26.34 -25.16
C PHE B 103 13.61 -25.26 -26.23
N SER B 104 12.47 -25.14 -26.87
CA SER B 104 12.31 -24.24 -27.99
C SER B 104 11.04 -23.40 -27.77
N ALA B 105 11.22 -22.11 -27.51
CA ALA B 105 10.12 -21.23 -27.14
C ALA B 105 10.22 -19.86 -27.81
N ASP B 106 9.06 -19.31 -28.11
CA ASP B 106 8.85 -17.92 -28.51
C ASP B 106 7.95 -17.27 -27.48
N PHE B 107 8.29 -16.02 -27.10
CA PHE B 107 7.43 -15.21 -26.24
C PHE B 107 6.75 -14.15 -27.10
N VAL B 108 5.42 -14.17 -27.13
CA VAL B 108 4.64 -13.15 -27.83
C VAL B 108 4.12 -12.16 -26.81
N ASN B 109 4.58 -10.91 -26.90
CA ASN B 109 4.27 -9.91 -25.88
C ASN B 109 3.03 -9.09 -26.26
N ASN B 110 1.88 -9.39 -25.65
CA ASN B 110 0.75 -8.47 -25.74
C ASN B 110 0.37 -7.94 -24.37
N SER B 111 1.36 -7.74 -23.49
CA SER B 111 1.06 -7.42 -22.10
C SER B 111 0.84 -5.94 -21.85
N GLY B 112 1.15 -5.07 -22.85
CA GLY B 112 1.03 -3.61 -22.76
C GLY B 112 2.31 -2.82 -22.46
N GLU B 113 3.43 -3.49 -22.21
CA GLU B 113 4.68 -2.86 -21.83
C GLU B 113 5.82 -3.83 -22.13
N ASP B 114 7.05 -3.36 -21.93
CA ASP B 114 8.21 -4.23 -22.14
C ASP B 114 8.11 -5.49 -21.26
N SER B 115 8.47 -6.65 -21.82
CA SER B 115 8.46 -7.89 -21.03
C SER B 115 9.33 -8.98 -21.66
N ILE B 116 9.56 -10.05 -20.88
CA ILE B 116 10.36 -11.22 -21.29
C ILE B 116 10.11 -12.31 -20.27
N ILE B 117 10.09 -13.57 -20.69
CA ILE B 117 9.88 -14.65 -19.72
C ILE B 117 11.23 -15.13 -19.22
N HIS B 118 11.30 -15.41 -17.91
CA HIS B 118 12.46 -16.04 -17.30
C HIS B 118 12.11 -17.42 -16.80
N TRP B 119 12.98 -18.41 -17.03
CA TRP B 119 12.69 -19.76 -16.58
C TRP B 119 13.46 -19.91 -15.27
N HIS B 120 12.77 -19.61 -14.18
CA HIS B 120 13.44 -19.50 -12.90
C HIS B 120 13.88 -20.89 -12.45
N GLY B 121 15.20 -21.05 -12.26
CA GLY B 121 15.80 -22.31 -11.85
C GLY B 121 16.55 -23.01 -12.96
N PHE B 122 16.36 -22.62 -14.23
CA PHE B 122 17.04 -23.32 -15.33
C PHE B 122 18.53 -23.01 -15.37
N ARG B 123 19.32 -24.03 -15.70
CA ARG B 123 20.67 -23.84 -16.22
C ARG B 123 20.52 -23.57 -17.72
N ALA B 124 20.53 -22.31 -18.11
CA ALA B 124 20.31 -21.91 -19.49
C ALA B 124 21.40 -20.98 -19.98
N PRO B 125 21.70 -20.94 -21.29
CA PRO B 125 22.51 -19.84 -21.81
C PRO B 125 21.77 -18.51 -21.60
N TRP B 126 22.52 -17.48 -21.22
CA TRP B 126 21.85 -16.31 -20.64
C TRP B 126 21.01 -15.54 -21.65
N LYS B 127 21.29 -15.68 -22.96
CA LYS B 127 20.41 -15.06 -23.94
C LYS B 127 19.10 -15.81 -24.07
N SER B 128 18.98 -16.98 -23.43
CA SER B 128 17.74 -17.73 -23.42
C SER B 128 17.13 -17.79 -22.02
N ASP B 129 17.73 -17.05 -21.06
CA ASP B 129 17.38 -17.07 -19.65
C ASP B 129 16.28 -16.07 -19.32
N GLY B 130 16.08 -15.06 -20.16
CA GLY B 130 15.10 -14.01 -19.89
C GLY B 130 15.70 -12.87 -19.11
N HIS B 131 16.92 -12.47 -19.46
CA HIS B 131 17.56 -11.35 -18.81
C HIS B 131 16.84 -10.08 -19.25
N PRO B 132 16.70 -9.08 -18.37
CA PRO B 132 15.92 -7.88 -18.75
C PRO B 132 16.48 -7.17 -19.97
N TYR B 133 17.79 -7.29 -20.25
CA TYR B 133 18.34 -6.64 -21.44
C TYR B 133 17.65 -7.12 -22.71
N TYR B 134 17.03 -8.29 -22.68
CA TYR B 134 16.42 -8.85 -23.88
C TYR B 134 14.93 -8.63 -23.94
N ALA B 135 14.34 -7.91 -22.98
CA ALA B 135 12.89 -7.71 -23.00
C ALA B 135 12.46 -7.07 -24.32
N VAL B 136 11.32 -7.47 -24.82
CA VAL B 136 10.82 -6.89 -26.07
C VAL B 136 9.64 -5.96 -25.79
N LYS B 137 9.48 -4.98 -26.67
CA LYS B 137 8.40 -3.98 -26.57
C LYS B 137 7.03 -4.63 -26.73
N ASP B 138 6.00 -3.92 -26.30
CA ASP B 138 4.64 -4.44 -26.47
C ASP B 138 4.36 -4.68 -27.95
N GLY B 139 3.74 -5.81 -28.26
CA GLY B 139 3.50 -6.11 -29.64
C GLY B 139 4.59 -6.92 -30.33
N GLU B 140 5.76 -7.10 -29.71
CA GLU B 140 6.87 -7.82 -30.31
C GLU B 140 6.99 -9.27 -29.79
N THR B 141 7.88 -10.03 -30.43
CA THR B 141 8.12 -11.43 -30.09
C THR B 141 9.59 -11.64 -29.79
N TYR B 142 9.90 -12.43 -28.77
CA TYR B 142 11.28 -12.81 -28.53
C TYR B 142 11.38 -14.29 -28.80
N SER B 143 12.26 -14.65 -29.70
CA SER B 143 12.50 -16.05 -30.00
C SER B 143 13.71 -16.48 -29.15
N TYR B 144 13.48 -17.38 -28.19
CA TYR B 144 14.56 -17.89 -27.35
C TYR B 144 15.46 -18.83 -28.15
N PRO B 145 16.74 -18.55 -28.29
CA PRO B 145 17.63 -19.55 -28.89
C PRO B 145 17.48 -20.91 -28.20
N ASP B 146 17.42 -21.96 -29.00
CA ASP B 146 17.28 -23.32 -28.48
C ASP B 146 18.41 -23.67 -27.53
N PHE B 147 18.08 -24.44 -26.49
CA PHE B 147 19.09 -24.97 -25.58
C PHE B 147 18.59 -26.27 -24.99
N THR B 148 19.51 -27.03 -24.39
CA THR B 148 19.17 -28.34 -23.85
C THR B 148 18.82 -28.27 -22.35
N ILE B 149 17.76 -28.99 -21.95
CA ILE B 149 17.42 -29.03 -20.53
C ILE B 149 18.39 -29.91 -19.80
N ILE B 150 19.16 -29.33 -18.86
CA ILE B 150 20.13 -30.15 -18.17
C ILE B 150 19.88 -30.17 -16.67
N ASP B 151 18.72 -29.72 -16.21
CA ASP B 151 18.41 -29.67 -14.79
C ASP B 151 17.78 -30.98 -14.30
N ARG B 152 17.97 -31.27 -13.00
CA ARG B 152 17.39 -32.44 -12.32
C ARG B 152 15.87 -32.31 -12.26
N SER B 153 15.16 -33.45 -12.19
CA SER B 153 13.71 -33.38 -12.04
C SER B 153 13.30 -32.53 -10.82
N GLY B 154 12.18 -31.85 -10.93
CA GLY B 154 11.66 -31.09 -9.82
C GLY B 154 10.72 -30.00 -10.32
N THR B 155 10.53 -29.01 -9.45
CA THR B 155 9.53 -27.96 -9.63
C THR B 155 10.23 -26.64 -9.94
N TYR B 156 9.96 -26.08 -11.13
CA TYR B 156 10.56 -24.83 -11.52
C TYR B 156 9.44 -23.83 -11.75
N PHE B 157 9.78 -22.65 -12.28
CA PHE B 157 8.91 -21.48 -12.11
C PHE B 157 9.11 -20.57 -13.32
N TYR B 158 8.04 -20.25 -14.05
CA TYR B 158 8.22 -19.29 -15.14
C TYR B 158 7.42 -18.03 -14.85
N HIS B 159 8.04 -16.87 -15.11
CA HIS B 159 7.39 -15.61 -14.79
C HIS B 159 8.13 -14.50 -15.52
N PRO B 160 7.51 -13.30 -15.61
CA PRO B 160 8.13 -12.19 -16.36
C PRO B 160 9.30 -11.58 -15.57
N HIS B 161 10.16 -10.85 -16.31
CA HIS B 161 11.36 -10.26 -15.72
C HIS B 161 11.73 -8.87 -16.25
N PRO B 162 10.78 -8.01 -16.63
CA PRO B 162 11.18 -6.67 -17.09
C PRO B 162 11.79 -5.88 -15.94
N HIS B 163 12.79 -5.10 -16.30
CA HIS B 163 13.29 -4.04 -15.46
C HIS B 163 12.16 -3.29 -14.76
N GLY B 164 12.19 -3.26 -13.42
CA GLY B 164 11.33 -2.38 -12.61
C GLY B 164 9.85 -2.71 -12.59
N ARG B 165 9.42 -3.72 -13.34
CA ARG B 165 8.00 -4.01 -13.51
C ARG B 165 7.69 -5.49 -13.28
N THR B 166 8.61 -6.25 -12.70
CA THR B 166 8.35 -7.66 -12.47
C THR B 166 7.28 -7.85 -11.40
N GLY B 167 7.27 -7.00 -10.37
CA GLY B 167 6.28 -7.12 -9.31
C GLY B 167 4.87 -6.90 -9.84
N TYR B 168 4.72 -5.94 -10.73
CA TYR B 168 3.43 -5.65 -11.29
C TYR B 168 2.97 -6.81 -12.16
N GLN B 169 3.84 -7.26 -13.06
CA GLN B 169 3.42 -8.25 -14.05
C GLN B 169 3.15 -9.61 -13.41
N VAL B 170 3.97 -10.01 -12.43
CA VAL B 170 3.68 -11.27 -11.72
C VAL B 170 2.35 -11.13 -10.99
N TYR B 171 2.22 -10.02 -10.25
CA TYR B 171 1.06 -9.82 -9.42
C TYR B 171 -0.22 -9.87 -10.23
N TYR B 172 -0.23 -9.22 -11.40
CA TYR B 172 -1.44 -9.19 -12.22
C TYR B 172 -1.70 -10.47 -13.02
N GLY B 173 -0.80 -11.48 -12.96
CA GLY B 173 -1.16 -12.84 -13.40
C GLY B 173 -0.10 -13.66 -14.11
N LEU B 174 1.01 -13.04 -14.50
CA LEU B 174 1.99 -13.80 -15.27
C LEU B 174 2.88 -14.63 -14.33
N ALA B 175 2.59 -15.92 -14.21
CA ALA B 175 3.31 -16.82 -13.31
C ALA B 175 2.82 -18.23 -13.60
N GLY B 176 3.75 -19.19 -13.64
CA GLY B 176 3.36 -20.57 -13.84
C GLY B 176 4.44 -21.50 -13.34
N MET B 177 4.03 -22.75 -13.14
CA MET B 177 4.91 -23.82 -12.68
C MET B 177 5.49 -24.60 -13.87
N ILE B 178 6.72 -25.14 -13.68
CA ILE B 178 7.38 -26.04 -14.61
C ILE B 178 7.67 -27.33 -13.87
N ILE B 179 7.43 -28.47 -14.52
CA ILE B 179 7.81 -29.77 -13.93
C ILE B 179 8.79 -30.44 -14.87
N ILE B 180 9.98 -30.69 -14.37
CA ILE B 180 11.00 -31.41 -15.13
C ILE B 180 11.03 -32.83 -14.62
N GLU B 181 11.10 -33.80 -15.56
CA GLU B 181 11.12 -35.21 -15.23
C GLU B 181 12.44 -35.82 -15.67
N ASP B 182 12.87 -36.84 -14.91
CA ASP B 182 14.07 -37.63 -15.21
C ASP B 182 13.84 -39.01 -14.63
N GLU B 183 14.89 -39.81 -14.65
CA GLU B 183 14.70 -41.20 -14.22
C GLU B 183 14.35 -41.31 -12.74
N ASP B 184 14.89 -40.43 -11.89
CA ASP B 184 14.52 -40.49 -10.46
C ASP B 184 13.05 -40.17 -10.25
N GLU B 185 12.53 -39.20 -10.99
CA GLU B 185 11.11 -38.87 -10.93
C GLU B 185 10.24 -40.02 -11.44
N ASP B 186 10.63 -40.64 -12.56
CA ASP B 186 9.89 -41.81 -13.01
C ASP B 186 9.80 -42.84 -11.88
N ASN B 187 10.94 -43.15 -11.25
CA ASN B 187 10.97 -44.20 -10.23
C ASN B 187 10.10 -43.81 -9.04
N LEU B 188 10.13 -42.53 -8.64
CA LEU B 188 9.32 -42.10 -7.52
C LEU B 188 7.84 -42.18 -7.88
N LYS B 189 7.46 -41.72 -9.06
CA LYS B 189 6.05 -41.72 -9.44
C LYS B 189 5.50 -43.13 -9.41
N GLN B 190 6.27 -44.07 -9.92
CA GLN B 190 5.87 -45.46 -9.91
C GLN B 190 5.81 -46.02 -8.49
N ALA B 191 6.77 -45.67 -7.64
CA ALA B 191 6.75 -46.19 -6.28
C ALA B 191 5.50 -45.75 -5.55
N LEU B 192 5.06 -44.51 -5.74
CA LEU B 192 3.95 -43.98 -4.95
C LEU B 192 2.66 -43.87 -5.75
N ASP B 193 2.71 -44.22 -7.04
CA ASP B 193 1.56 -44.07 -7.93
C ASP B 193 1.07 -42.62 -8.01
N LEU B 194 2.01 -41.71 -8.21
CA LEU B 194 1.68 -40.29 -8.24
C LEU B 194 1.28 -39.90 -9.65
N GLU B 195 0.22 -39.11 -9.76
CA GLU B 195 -0.24 -38.72 -11.08
C GLU B 195 -0.61 -37.24 -11.05
N TYR B 196 -0.09 -36.48 -12.01
CA TYR B 196 -0.35 -35.03 -12.05
C TYR B 196 -1.84 -34.77 -11.96
N GLY B 197 -2.23 -33.85 -11.09
CA GLY B 197 -3.62 -33.40 -11.04
C GLY B 197 -4.52 -34.30 -10.24
N VAL B 198 -4.03 -35.46 -9.81
CA VAL B 198 -4.81 -36.43 -9.05
C VAL B 198 -4.15 -36.60 -7.70
N THR B 199 -2.89 -37.06 -7.69
CA THR B 199 -2.15 -37.19 -6.44
C THR B 199 -0.83 -36.40 -6.44
N ASP B 200 -0.46 -35.76 -7.56
CA ASP B 200 0.68 -34.87 -7.64
C ASP B 200 0.11 -33.51 -7.99
N ILE B 201 0.12 -32.58 -7.01
CA ILE B 201 -0.75 -31.40 -7.02
C ILE B 201 0.06 -30.11 -6.84
N PRO B 202 0.00 -29.17 -7.78
CA PRO B 202 0.65 -27.87 -7.57
C PRO B 202 -0.10 -27.05 -6.54
N LEU B 203 0.64 -26.41 -5.65
CA LEU B 203 0.06 -25.45 -4.73
C LEU B 203 0.83 -24.16 -4.95
N ILE B 204 0.35 -23.33 -5.86
CA ILE B 204 0.94 -22.04 -6.14
C ILE B 204 0.26 -21.03 -5.21
N ILE B 205 0.97 -20.66 -4.13
CA ILE B 205 0.40 -19.84 -3.06
C ILE B 205 0.75 -18.38 -3.32
N GLN B 206 -0.27 -17.52 -3.25
CA GLN B 206 -0.12 -16.10 -3.59
C GLN B 206 -1.08 -15.28 -2.75
N ASP B 207 -0.67 -14.06 -2.41
CA ASP B 207 -1.55 -13.14 -1.70
C ASP B 207 -1.87 -11.95 -2.59
N LYS B 208 -3.15 -11.57 -2.62
CA LYS B 208 -3.60 -10.46 -3.45
C LYS B 208 -4.63 -9.63 -2.69
N THR B 209 -4.91 -8.44 -3.20
CA THR B 209 -5.97 -7.62 -2.65
C THR B 209 -6.91 -7.19 -3.78
N PHE B 210 -8.22 -7.40 -3.58
CA PHE B 210 -9.24 -7.08 -4.56
C PHE B 210 -10.06 -5.92 -4.02
N ASP B 211 -10.45 -4.98 -4.89
CA ASP B 211 -11.44 -4.07 -4.37
C ASP B 211 -12.84 -4.71 -4.49
N SER B 212 -13.87 -3.93 -4.12
CA SER B 212 -15.24 -4.46 -4.10
C SER B 212 -15.72 -4.90 -5.47
N SER B 213 -15.29 -4.26 -6.56
CA SER B 213 -15.76 -4.75 -7.86
C SER B 213 -15.07 -6.02 -8.36
N GLY B 214 -13.99 -6.48 -7.74
CA GLY B 214 -13.20 -7.59 -8.22
C GLY B 214 -11.89 -7.18 -8.86
N GLN B 215 -11.69 -5.89 -9.09
CA GLN B 215 -10.43 -5.42 -9.63
C GLN B 215 -9.28 -5.58 -8.60
N LEU B 216 -8.12 -6.06 -9.06
CA LEU B 216 -6.95 -6.13 -8.16
C LEU B 216 -6.46 -4.73 -7.78
N VAL B 217 -5.91 -4.63 -6.58
CA VAL B 217 -5.29 -3.44 -6.02
C VAL B 217 -3.79 -3.73 -5.91
N TYR B 218 -2.95 -2.96 -6.60
CA TYR B 218 -1.49 -3.10 -6.49
C TYR B 218 -0.90 -1.74 -6.08
N ASN B 219 -0.66 -1.56 -4.81
CA ASN B 219 -0.25 -0.25 -4.30
C ASN B 219 0.93 -0.44 -3.33
N PRO B 220 2.02 -1.07 -3.78
CA PRO B 220 3.13 -1.32 -2.87
C PRO B 220 3.56 -0.01 -2.23
N MET B 221 3.69 -0.04 -0.93
CA MET B 221 4.37 1.02 -0.21
C MET B 221 5.22 0.37 0.86
N GLY B 222 6.27 1.06 1.23
CA GLY B 222 7.09 0.61 2.33
C GLY B 222 8.24 -0.25 1.84
N HIS B 223 8.89 -0.87 2.81
CA HIS B 223 10.13 -1.57 2.53
C HIS B 223 9.99 -3.07 2.65
N MET B 224 8.79 -3.55 2.96
CA MET B 224 8.46 -4.96 2.98
C MET B 224 7.84 -5.43 1.66
N GLY B 225 7.83 -4.59 0.62
CA GLY B 225 7.24 -5.09 -0.61
C GLY B 225 5.73 -5.18 -0.47
N PHE B 226 5.13 -5.85 -1.47
CA PHE B 226 3.68 -5.87 -1.48
C PHE B 226 3.15 -7.05 -0.70
N TRP B 227 2.18 -6.79 0.17
CA TRP B 227 1.51 -7.80 0.96
C TRP B 227 0.03 -7.69 0.69
N GLY B 228 -0.61 -8.83 0.37
CA GLY B 228 -2.01 -8.83 0.02
C GLY B 228 -2.83 -9.28 1.21
N ASP B 229 -4.14 -8.99 1.17
CA ASP B 229 -4.97 -9.41 2.29
C ASP B 229 -5.79 -10.67 1.99
N THR B 230 -5.67 -11.27 0.79
CA THR B 230 -6.41 -12.47 0.43
C THR B 230 -5.43 -13.55 -0.02
N ILE B 231 -5.49 -14.73 0.61
CA ILE B 231 -4.63 -15.86 0.25
C ILE B 231 -5.29 -16.70 -0.84
N LEU B 232 -4.56 -16.93 -1.92
CA LEU B 232 -5.00 -17.76 -3.02
C LEU B 232 -4.05 -18.93 -3.18
N VAL B 233 -4.60 -20.04 -3.62
CA VAL B 233 -3.84 -21.21 -4.07
C VAL B 233 -4.32 -21.53 -5.48
N ASN B 234 -3.42 -21.48 -6.46
CA ASN B 234 -3.78 -21.63 -7.87
C ASN B 234 -4.97 -20.70 -8.24
N LEU B 235 -4.90 -19.46 -7.80
CA LEU B 235 -5.92 -18.46 -8.10
C LEU B 235 -7.30 -18.87 -7.54
N THR B 236 -7.30 -19.66 -6.45
CA THR B 236 -8.52 -20.07 -5.76
C THR B 236 -8.54 -19.45 -4.38
N PRO B 237 -9.54 -18.63 -4.03
CA PRO B 237 -9.66 -18.15 -2.66
C PRO B 237 -10.27 -19.21 -1.75
N ASN B 238 -9.89 -19.17 -0.48
CA ASN B 238 -10.43 -20.01 0.58
C ASN B 238 -10.69 -21.45 0.09
N PRO B 239 -9.67 -22.15 -0.39
CA PRO B 239 -9.92 -23.40 -1.09
C PRO B 239 -9.98 -24.63 -0.19
N TYR B 240 -10.71 -25.64 -0.69
CA TYR B 240 -10.62 -26.97 -0.12
C TYR B 240 -10.27 -27.93 -1.24
N MET B 241 -9.67 -29.06 -0.83
CA MET B 241 -9.45 -30.19 -1.72
C MET B 241 -9.89 -31.46 -1.01
N ASP B 242 -10.72 -32.25 -1.69
CA ASP B 242 -11.08 -33.59 -1.23
C ASP B 242 -9.91 -34.53 -1.49
N VAL B 243 -9.58 -35.37 -0.51
CA VAL B 243 -8.48 -36.34 -0.65
C VAL B 243 -8.91 -37.68 -0.07
N GLU B 244 -8.20 -38.72 -0.50
CA GLU B 244 -8.36 -40.05 0.05
C GLU B 244 -7.21 -40.35 1.01
N ARG B 245 -7.40 -41.44 1.80
CA ARG B 245 -6.38 -41.86 2.74
C ARG B 245 -5.25 -42.54 1.95
N LYS B 246 -4.36 -41.71 1.41
CA LYS B 246 -3.17 -42.18 0.72
C LYS B 246 -2.13 -41.07 0.70
N ILE B 247 -1.04 -41.35 0.03
CA ILE B 247 0.07 -40.40 -0.06
C ILE B 247 -0.13 -39.47 -1.25
N TYR B 248 0.01 -38.18 -1.00
CA TYR B 248 -0.01 -37.15 -2.02
C TYR B 248 1.32 -36.41 -2.07
N ARG B 249 1.69 -35.91 -3.26
CA ARG B 249 2.80 -34.98 -3.42
C ARG B 249 2.22 -33.60 -3.67
N PHE B 250 2.70 -32.61 -2.94
CA PHE B 250 2.27 -31.23 -3.15
C PHE B 250 3.51 -30.45 -3.55
N ARG B 251 3.39 -29.69 -4.65
CA ARG B 251 4.49 -28.89 -5.17
C ARG B 251 4.16 -27.48 -4.75
N ILE B 252 4.75 -27.06 -3.65
CA ILE B 252 4.47 -25.75 -3.11
C ILE B 252 5.38 -24.73 -3.77
N LEU B 253 4.77 -23.77 -4.46
CA LEU B 253 5.50 -22.70 -5.10
C LEU B 253 4.97 -21.39 -4.52
N ASN B 254 5.85 -20.64 -3.85
CA ASN B 254 5.48 -19.31 -3.35
C ASN B 254 5.56 -18.31 -4.52
N GLY B 255 4.40 -17.99 -5.10
CA GLY B 255 4.36 -17.06 -6.23
C GLY B 255 3.99 -15.65 -5.78
N SER B 256 4.14 -15.37 -4.49
CA SER B 256 3.80 -14.08 -3.94
C SER B 256 4.91 -13.08 -4.24
N ASN B 257 4.58 -11.78 -4.17
CA ASN B 257 5.57 -10.74 -4.41
C ASN B 257 6.54 -10.61 -3.24
N ALA B 258 6.07 -10.80 -1.99
CA ALA B 258 6.92 -10.53 -0.84
C ALA B 258 6.65 -11.45 0.36
N ARG B 259 5.44 -11.93 0.50
CA ARG B 259 5.04 -12.63 1.72
C ARG B 259 5.67 -14.02 1.79
N PRO B 260 6.37 -14.37 2.89
CA PRO B 260 6.83 -15.75 3.08
C PRO B 260 5.82 -16.51 3.94
N TYR B 261 5.78 -17.82 3.85
CA TYR B 261 4.84 -18.62 4.61
C TYR B 261 5.61 -19.63 5.47
N ARG B 262 5.13 -19.83 6.69
CA ARG B 262 5.58 -20.88 7.58
C ARG B 262 4.41 -21.87 7.66
N LEU B 263 4.45 -22.94 6.87
CA LEU B 263 3.27 -23.76 6.69
C LEU B 263 3.29 -25.03 7.54
N ALA B 264 2.15 -25.38 8.15
CA ALA B 264 2.01 -26.63 8.89
C ALA B 264 0.68 -27.26 8.52
N LEU B 265 0.54 -28.54 8.84
CA LEU B 265 -0.70 -29.29 8.62
C LEU B 265 -1.35 -29.58 9.96
N LEU B 266 -2.52 -28.98 10.20
CA LEU B 266 -3.19 -29.09 11.48
C LEU B 266 -4.37 -30.06 11.40
N ARG B 267 -4.36 -31.03 12.29
CA ARG B 267 -5.50 -31.92 12.47
C ARG B 267 -6.05 -31.49 13.82
N GLY B 268 -7.02 -30.56 13.80
CA GLY B 268 -7.43 -29.91 15.01
C GLY B 268 -6.35 -28.99 15.53
N ASN B 269 -5.87 -29.26 16.73
CA ASN B 269 -4.77 -28.46 17.23
C ASN B 269 -3.42 -29.11 17.03
N GLN B 270 -3.37 -30.31 16.52
CA GLN B 270 -2.09 -30.99 16.45
C GLN B 270 -1.49 -30.87 15.06
N ARG B 271 -0.17 -30.74 15.01
CA ARG B 271 0.55 -30.72 13.76
C ARG B 271 0.68 -32.13 13.24
N MET B 272 0.30 -32.32 11.98
CA MET B 272 0.45 -33.60 11.29
C MET B 272 1.84 -33.68 10.69
N ARG B 273 2.44 -34.87 10.64
CA ARG B 273 3.79 -34.94 10.06
C ARG B 273 3.71 -34.93 8.53
N PHE B 274 4.81 -34.47 7.90
CA PHE B 274 4.94 -34.60 6.45
C PHE B 274 6.43 -34.59 6.13
N TRP B 275 6.74 -34.81 4.85
CA TRP B 275 8.13 -35.04 4.44
C TRP B 275 8.48 -34.08 3.32
N VAL B 276 9.61 -33.40 3.47
CA VAL B 276 10.21 -32.66 2.35
C VAL B 276 10.94 -33.66 1.47
N ILE B 277 10.61 -33.68 0.17
CA ILE B 277 11.32 -34.54 -0.78
C ILE B 277 12.09 -33.76 -1.84
N GLY B 278 11.87 -32.45 -1.99
CA GLY B 278 12.59 -31.71 -3.01
C GLY B 278 12.50 -30.23 -2.72
N VAL B 279 13.46 -29.49 -3.29
CA VAL B 279 13.56 -28.03 -3.16
C VAL B 279 13.79 -27.49 -4.58
N GLU B 280 14.17 -26.21 -4.70
CA GLU B 280 14.24 -25.60 -6.03
C GLU B 280 15.03 -26.42 -7.00
N GLY B 281 16.11 -27.03 -6.53
CA GLY B 281 17.04 -27.71 -7.41
C GLY B 281 16.74 -29.18 -7.57
N GLY B 282 15.57 -29.64 -7.13
CA GLY B 282 15.15 -31.02 -7.33
C GLY B 282 15.10 -31.85 -6.06
N LEU B 283 15.11 -33.16 -6.24
CA LEU B 283 14.92 -34.05 -5.11
C LEU B 283 16.09 -33.97 -4.11
N LEU B 284 15.77 -34.13 -2.82
CA LEU B 284 16.78 -34.35 -1.79
C LEU B 284 17.32 -35.76 -1.94
N ASP B 285 18.35 -36.09 -1.15
CA ASP B 285 18.85 -37.47 -1.23
C ASP B 285 17.81 -38.45 -0.70
N THR B 286 17.21 -38.15 0.45
CA THR B 286 16.18 -38.97 1.07
C THR B 286 15.14 -38.06 1.69
N PRO B 287 13.95 -38.58 1.96
CA PRO B 287 12.89 -37.72 2.50
C PRO B 287 13.24 -37.29 3.88
N LYS B 288 12.86 -36.05 4.23
CA LYS B 288 13.11 -35.47 5.55
C LYS B 288 11.77 -35.13 6.19
N GLU B 289 11.46 -35.81 7.30
CA GLU B 289 10.22 -35.59 7.99
C GLU B 289 10.27 -34.28 8.77
N VAL B 290 9.24 -33.46 8.64
CA VAL B 290 9.19 -32.14 9.26
C VAL B 290 7.79 -31.97 9.83
N ASN B 291 7.60 -30.88 10.60
CA ASN B 291 6.25 -30.51 10.99
C ASN B 291 5.90 -29.09 10.59
N GLU B 292 6.81 -28.38 9.94
CA GLU B 292 6.51 -27.12 9.26
C GLU B 292 7.57 -26.89 8.19
N ILE B 293 7.29 -25.99 7.24
CA ILE B 293 8.27 -25.55 6.25
C ILE B 293 8.14 -24.04 6.04
N LEU B 294 9.26 -23.37 5.86
CA LEU B 294 9.30 -21.94 5.61
C LEU B 294 9.58 -21.73 4.14
N VAL B 295 8.71 -20.98 3.44
CA VAL B 295 8.81 -20.85 2.00
C VAL B 295 8.72 -19.39 1.65
N ALA B 296 9.77 -18.84 1.05
CA ALA B 296 9.73 -17.44 0.64
C ALA B 296 9.51 -17.34 -0.85
N PRO B 297 9.14 -16.16 -1.35
CA PRO B 297 9.02 -15.99 -2.81
C PRO B 297 10.25 -16.49 -3.54
N GLY B 298 10.01 -17.29 -4.56
CA GLY B 298 11.07 -17.88 -5.35
C GLY B 298 11.41 -19.30 -4.95
N GLU B 299 11.14 -19.67 -3.70
CA GLU B 299 11.38 -21.04 -3.26
C GLU B 299 10.26 -21.95 -3.74
N ARG B 300 10.62 -23.22 -3.94
CA ARG B 300 9.68 -24.30 -4.22
C ARG B 300 10.01 -25.47 -3.31
N ILE B 301 9.01 -26.00 -2.60
CA ILE B 301 9.23 -27.15 -1.70
C ILE B 301 8.27 -28.28 -2.13
N ASP B 302 8.83 -29.45 -2.46
CA ASP B 302 8.04 -30.63 -2.78
C ASP B 302 7.90 -31.42 -1.51
N ILE B 303 6.65 -31.72 -1.12
CA ILE B 303 6.39 -32.47 0.10
C ILE B 303 5.53 -33.66 -0.24
N LEU B 304 5.64 -34.69 0.61
CA LEU B 304 4.70 -35.82 0.59
C LEU B 304 3.87 -35.76 1.87
N VAL B 305 2.57 -36.05 1.71
CA VAL B 305 1.63 -36.08 2.84
C VAL B 305 0.90 -37.43 2.82
N ASP B 306 0.80 -38.09 3.98
CA ASP B 306 0.19 -39.42 4.07
C ASP B 306 -1.17 -39.30 4.79
N PHE B 307 -2.26 -39.17 4.02
CA PHE B 307 -3.53 -38.96 4.72
C PHE B 307 -4.02 -40.23 5.40
N ARG B 308 -3.30 -41.35 5.25
CA ARG B 308 -3.59 -42.48 6.12
C ARG B 308 -3.31 -42.12 7.58
N ASP B 309 -2.51 -41.07 7.83
CA ASP B 309 -2.36 -40.57 9.18
C ASP B 309 -3.64 -40.00 9.73
N ALA B 310 -4.63 -39.76 8.88
CA ALA B 310 -5.92 -39.21 9.29
C ALA B 310 -7.04 -40.22 9.13
N SER B 311 -8.19 -39.82 9.64
CA SER B 311 -9.40 -40.63 9.56
C SER B 311 -10.35 -40.02 8.54
N VAL B 312 -11.19 -40.89 7.95
CA VAL B 312 -12.23 -40.40 7.06
C VAL B 312 -13.10 -39.37 7.77
N ASN B 313 -13.41 -38.29 7.05
CA ASN B 313 -14.16 -37.12 7.52
C ASN B 313 -13.28 -36.14 8.28
N ASP B 314 -11.98 -36.41 8.46
CA ASP B 314 -11.12 -35.39 9.03
C ASP B 314 -11.02 -34.21 8.08
N VAL B 315 -10.89 -33.00 8.65
CA VAL B 315 -10.45 -31.81 7.93
C VAL B 315 -9.06 -31.42 8.39
N ILE B 316 -8.11 -31.42 7.47
CA ILE B 316 -6.73 -31.08 7.79
C ILE B 316 -6.46 -29.72 7.19
N LYS B 317 -6.03 -28.78 8.04
CA LYS B 317 -5.80 -27.41 7.62
C LYS B 317 -4.35 -27.20 7.21
N LEU B 318 -4.13 -26.75 5.97
CA LEU B 318 -2.84 -26.17 5.61
C LEU B 318 -2.81 -24.77 6.21
N TYR B 319 -2.00 -24.60 7.23
CA TYR B 319 -2.11 -23.46 8.11
C TYR B 319 -0.80 -22.68 8.11
N ASN B 320 -0.91 -21.35 8.12
CA ASN B 320 0.24 -20.45 8.17
C ASN B 320 0.45 -19.93 9.59
N PHE B 321 1.60 -20.25 10.18
CA PHE B 321 2.04 -19.67 11.46
C PHE B 321 2.93 -18.48 11.20
N PRO B 322 3.26 -17.70 12.24
CA PRO B 322 4.09 -16.51 12.05
C PRO B 322 5.43 -16.88 11.43
N HIS B 323 5.86 -16.10 10.43
CA HIS B 323 7.14 -16.36 9.80
C HIS B 323 8.27 -15.79 10.62
N ASN B 324 8.00 -14.76 11.42
CA ASN B 324 9.02 -14.18 12.28
C ASN B 324 10.22 -13.69 11.47
N LEU B 325 10.00 -13.26 10.25
CA LEU B 325 11.10 -12.77 9.43
C LEU B 325 11.19 -11.24 9.44
N ILE B 326 10.60 -10.60 10.44
CA ILE B 326 10.57 -9.12 10.53
C ILE B 326 11.41 -8.66 11.70
N MET B 353 7.53 -1.34 9.28
CA MET B 353 6.88 -2.59 8.91
C MET B 353 6.10 -2.61 7.57
N GLY B 354 6.03 -1.45 6.88
CA GLY B 354 5.36 -1.38 5.58
C GLY B 354 3.97 -2.03 5.60
N MET B 355 3.75 -2.93 4.62
CA MET B 355 2.47 -3.64 4.48
C MET B 355 2.47 -5.00 5.17
N ALA B 356 3.57 -5.36 5.83
CA ALA B 356 3.80 -6.71 6.33
C ALA B 356 2.91 -7.00 7.53
N ASP B 357 2.70 -8.27 7.77
CA ASP B 357 2.12 -8.75 9.01
C ASP B 357 2.89 -10.00 9.39
N ASN B 358 2.63 -10.49 10.60
CA ASN B 358 3.28 -11.68 11.12
C ASN B 358 2.20 -12.58 11.67
N SER B 359 1.06 -12.60 10.99
CA SER B 359 -0.10 -13.28 11.55
C SER B 359 -0.22 -14.75 11.15
N GLU B 360 -1.11 -15.44 11.83
CA GLU B 360 -1.41 -16.79 11.44
C GLU B 360 -2.82 -16.86 10.82
N PHE B 361 -3.00 -17.80 9.89
CA PHE B 361 -4.23 -17.87 9.14
C PHE B 361 -4.24 -19.17 8.35
N GLU B 362 -5.46 -19.64 8.04
CA GLU B 362 -5.58 -20.80 7.18
C GLU B 362 -5.26 -20.42 5.74
N VAL B 363 -4.63 -21.34 5.03
CA VAL B 363 -4.38 -21.21 3.62
C VAL B 363 -5.36 -22.05 2.80
N MET B 364 -5.56 -23.31 3.14
CA MET B 364 -6.61 -24.09 2.50
C MET B 364 -6.88 -25.28 3.41
N GLU B 365 -7.79 -26.16 2.97
CA GLU B 365 -8.05 -27.33 3.80
C GLU B 365 -8.20 -28.56 2.94
N PHE B 366 -7.78 -29.66 3.51
CA PHE B 366 -7.96 -30.96 2.89
C PHE B 366 -9.06 -31.67 3.64
N ARG B 367 -10.01 -32.19 2.89
CA ARG B 367 -11.13 -32.95 3.40
C ARG B 367 -10.88 -34.40 2.99
N VAL B 368 -10.70 -35.27 4.00
CA VAL B 368 -10.46 -36.68 3.80
C VAL B 368 -11.82 -37.33 3.65
N THR B 369 -12.26 -37.49 2.40
CA THR B 369 -13.63 -37.82 2.12
C THR B 369 -13.81 -39.29 1.85
N LYS B 370 -12.71 -40.02 1.73
CA LYS B 370 -12.79 -41.37 1.23
C LYS B 370 -11.61 -42.14 1.80
N ASP B 371 -11.85 -43.40 2.10
CA ASP B 371 -10.80 -44.34 2.42
C ASP B 371 -10.20 -44.90 1.13
N SER B 372 -9.11 -45.64 1.27
CA SER B 372 -8.46 -46.26 0.13
C SER B 372 -7.68 -47.48 0.62
N ALA B 373 -7.42 -48.40 -0.32
CA ALA B 373 -6.56 -49.57 -0.14
C ALA B 373 -5.05 -49.26 -0.27
N TYR B 374 -4.71 -48.01 -0.50
CA TYR B 374 -3.35 -47.63 -0.81
C TYR B 374 -2.36 -48.20 0.21
N ASP B 375 -1.35 -48.94 -0.26
CA ASP B 375 -0.39 -49.58 0.62
C ASP B 375 1.04 -49.31 0.21
N LYS B 376 1.31 -48.20 -0.47
CA LYS B 376 2.70 -47.88 -0.78
C LYS B 376 3.35 -47.21 0.43
N SER B 377 4.67 -47.24 0.45
CA SER B 377 5.47 -46.64 1.51
C SER B 377 6.31 -45.50 0.95
N ILE B 378 6.61 -44.53 1.80
CA ILE B 378 7.55 -43.48 1.39
C ILE B 378 8.90 -44.13 1.11
N PRO B 379 9.51 -43.90 -0.05
CA PRO B 379 10.73 -44.63 -0.39
C PRO B 379 11.87 -44.22 0.51
N GLN B 380 12.83 -45.12 0.60
CA GLN B 380 14.01 -44.89 1.41
C GLN B 380 14.89 -43.84 0.78
N ARG B 381 14.97 -43.82 -0.55
CA ARG B 381 15.89 -42.93 -1.22
C ARG B 381 15.20 -42.28 -2.40
N LEU B 382 15.66 -41.09 -2.76
CA LEU B 382 15.09 -40.30 -3.85
C LEU B 382 16.05 -40.06 -5.00
N SER B 383 17.29 -39.67 -4.72
CA SER B 383 18.21 -39.24 -5.75
C SER B 383 19.60 -39.19 -5.12
N GLU B 384 20.61 -38.91 -5.95
CA GLU B 384 21.96 -38.61 -5.49
C GLU B 384 22.09 -37.10 -5.52
N VAL B 385 22.64 -36.52 -4.45
CA VAL B 385 23.06 -35.11 -4.41
C VAL B 385 24.54 -35.10 -4.09
N THR B 386 25.39 -34.66 -5.04
CA THR B 386 26.85 -34.64 -4.80
C THR B 386 27.26 -33.35 -4.11
N PRO B 387 27.93 -33.40 -2.96
CA PRO B 387 28.38 -32.17 -2.30
C PRO B 387 29.40 -31.45 -3.15
N ILE B 388 29.26 -30.14 -3.24
CA ILE B 388 30.25 -29.36 -3.93
C ILE B 388 31.57 -29.45 -3.15
N ASN B 389 32.67 -29.67 -3.85
CA ASN B 389 33.99 -29.60 -3.23
C ASN B 389 34.38 -28.14 -3.07
N THR B 390 34.41 -27.64 -1.84
CA THR B 390 34.70 -26.23 -1.70
C THR B 390 36.17 -25.95 -1.44
N ASP B 391 37.07 -26.93 -1.63
CA ASP B 391 38.49 -26.69 -1.34
C ASP B 391 39.09 -25.61 -2.23
N GLY B 392 39.71 -24.61 -1.61
CA GLY B 392 40.28 -23.54 -2.40
C GLY B 392 39.27 -22.59 -3.02
N ALA B 393 38.00 -22.68 -2.66
CA ALA B 393 36.96 -21.82 -3.24
C ALA B 393 37.18 -20.40 -2.73
N GLN B 394 37.05 -19.43 -3.62
CA GLN B 394 37.15 -18.07 -3.14
C GLN B 394 35.81 -17.60 -2.60
N VAL B 395 35.87 -16.66 -1.65
CA VAL B 395 34.70 -16.08 -1.03
C VAL B 395 34.37 -14.76 -1.73
N GLN B 396 33.10 -14.58 -2.04
CA GLN B 396 32.58 -13.38 -2.66
C GLN B 396 31.59 -12.82 -1.65
N ARG B 397 31.95 -11.74 -0.94
CA ARG B 397 31.08 -11.20 0.09
C ARG B 397 30.01 -10.33 -0.56
N ILE B 398 28.74 -10.57 -0.21
CA ILE B 398 27.61 -9.84 -0.81
C ILE B 398 26.87 -9.19 0.36
N THR B 399 27.11 -7.90 0.54
CA THR B 399 26.57 -7.15 1.67
C THR B 399 25.25 -6.44 1.29
N LEU B 400 24.19 -6.77 2.00
CA LEU B 400 22.89 -6.15 1.78
C LEU B 400 22.80 -4.95 2.71
N GLY B 401 22.55 -3.79 2.14
CA GLY B 401 22.51 -2.59 2.94
C GLY B 401 21.34 -1.71 2.52
N MET B 402 21.28 -0.50 3.05
CA MET B 402 20.29 0.47 2.62
C MET B 402 21.00 1.78 2.47
N ARG B 403 20.65 2.50 1.42
CA ARG B 403 21.19 3.81 1.10
C ARG B 403 20.00 4.71 0.80
N ARG B 404 19.66 5.59 1.72
CA ARG B 404 18.58 6.54 1.45
C ARG B 404 17.34 5.80 0.99
N MET B 405 16.87 4.92 1.87
CA MET B 405 15.58 4.24 1.79
C MET B 405 15.45 3.30 0.58
N VAL B 406 16.56 2.89 -0.03
CA VAL B 406 16.57 1.88 -1.09
C VAL B 406 17.59 0.81 -0.71
N PHE B 407 17.28 -0.46 -1.01
CA PHE B 407 18.17 -1.56 -0.67
C PHE B 407 19.33 -1.64 -1.63
N THR B 408 20.49 -2.05 -1.11
CA THR B 408 21.73 -2.02 -1.86
C THR B 408 22.42 -3.39 -1.80
N ILE B 409 23.20 -3.67 -2.83
CA ILE B 409 24.07 -4.84 -2.89
C ILE B 409 25.48 -4.28 -2.98
N ASN B 410 26.31 -4.56 -1.97
CA ASN B 410 27.61 -3.92 -1.86
C ASN B 410 27.51 -2.41 -2.17
N GLY B 411 26.55 -1.75 -1.51
CA GLY B 411 26.42 -0.31 -1.63
C GLY B 411 25.87 0.20 -2.96
N GLU B 412 25.53 -0.68 -3.90
CA GLU B 412 25.05 -0.28 -5.22
C GLU B 412 23.63 -0.78 -5.41
N THR B 413 22.97 -0.22 -6.43
CA THR B 413 21.73 -0.78 -7.00
C THR B 413 21.88 -1.01 -8.50
N TRP B 414 20.88 -1.68 -9.05
CA TRP B 414 20.82 -1.87 -10.49
C TRP B 414 20.96 -0.54 -11.24
N GLU B 415 20.41 0.53 -10.68
CA GLU B 415 20.44 1.82 -11.36
C GLU B 415 21.80 2.50 -11.28
N ASP B 416 22.78 1.92 -10.58
CA ASP B 416 24.13 2.47 -10.52
C ASP B 416 25.06 1.83 -11.54
N GLY B 417 24.65 1.80 -12.80
CA GLY B 417 25.52 1.42 -13.90
C GLY B 417 25.13 0.13 -14.59
N TYR B 418 24.20 -0.63 -14.02
CA TYR B 418 23.84 -1.89 -14.63
C TYR B 418 22.67 -1.78 -15.59
N ALA B 419 21.82 -0.78 -15.42
CA ALA B 419 20.53 -0.83 -16.08
C ALA B 419 20.67 -0.58 -17.57
N ASN B 420 21.59 0.27 -17.99
CA ASN B 420 21.67 0.72 -19.37
C ASN B 420 23.07 0.58 -19.91
N PRO B 421 23.56 -0.65 -20.07
CA PRO B 421 24.92 -0.84 -20.53
C PRO B 421 25.07 -0.27 -21.93
N GLN B 422 26.27 0.23 -22.19
CA GLN B 422 26.58 0.65 -23.54
C GLN B 422 26.56 -0.56 -24.46
N ASP B 423 26.96 -1.73 -23.95
CA ASP B 423 26.99 -2.98 -24.70
C ASP B 423 26.37 -4.08 -23.84
N ILE B 424 25.20 -4.59 -24.24
CA ILE B 424 24.55 -5.58 -23.38
C ILE B 424 25.39 -6.84 -23.24
N ASN B 425 26.24 -7.14 -24.23
CA ASN B 425 27.07 -8.33 -24.07
C ASN B 425 28.21 -8.16 -23.05
N ASN B 426 28.60 -6.94 -22.72
CA ASN B 426 29.70 -6.72 -21.78
C ASN B 426 29.28 -5.63 -20.83
N PRO B 427 28.32 -5.92 -19.94
CA PRO B 427 27.79 -4.88 -19.05
C PRO B 427 28.54 -4.78 -17.72
N LYS B 428 28.16 -3.82 -16.89
CA LYS B 428 28.76 -3.79 -15.56
C LYS B 428 28.46 -5.11 -14.86
N VAL B 429 29.45 -5.63 -14.12
CA VAL B 429 29.29 -6.85 -13.32
C VAL B 429 29.88 -6.64 -11.94
N LEU B 430 29.20 -7.19 -10.94
CA LEU B 430 29.68 -7.05 -9.58
C LEU B 430 30.94 -7.87 -9.36
N PHE B 431 31.01 -9.06 -9.98
CA PHE B 431 32.19 -9.91 -9.95
C PHE B 431 32.16 -10.87 -11.14
N GLU B 432 33.33 -11.48 -11.38
CA GLU B 432 33.53 -12.29 -12.56
C GLU B 432 34.30 -13.54 -12.16
N GLN B 433 33.94 -14.66 -12.80
CA GLN B 433 34.53 -15.96 -12.51
C GLN B 433 34.79 -16.67 -13.83
N ASN B 434 35.71 -17.61 -13.78
CA ASN B 434 35.98 -18.47 -14.92
C ASN B 434 35.13 -19.70 -14.84
N ASN B 435 34.87 -20.30 -16.00
CA ASN B 435 34.09 -21.52 -16.08
C ASN B 435 34.70 -22.62 -15.23
N GLY B 436 33.91 -23.15 -14.28
CA GLY B 436 34.37 -24.18 -13.39
C GLY B 436 34.82 -23.70 -12.04
N ASP B 437 34.92 -22.39 -11.83
CA ASP B 437 35.23 -21.91 -10.50
C ASP B 437 34.16 -22.39 -9.52
N VAL B 438 34.61 -22.80 -8.34
CA VAL B 438 33.76 -22.97 -7.17
C VAL B 438 33.91 -21.72 -6.33
N VAL B 439 32.80 -21.05 -6.08
CA VAL B 439 32.77 -19.78 -5.36
C VAL B 439 31.88 -19.92 -4.15
N ILE B 440 32.26 -19.28 -3.06
CA ILE B 440 31.37 -19.19 -1.91
C ILE B 440 30.78 -17.80 -1.88
N LEU B 441 29.44 -17.71 -1.94
CA LEU B 441 28.79 -16.40 -1.80
C LEU B 441 28.43 -16.23 -0.33
N GLU B 442 28.88 -15.14 0.28
CA GLU B 442 28.53 -14.88 1.68
C GLU B 442 27.62 -13.67 1.75
N TYR B 443 26.33 -13.91 1.99
CA TYR B 443 25.40 -12.79 2.15
C TYR B 443 25.49 -12.24 3.56
N VAL B 444 25.67 -10.94 3.67
CA VAL B 444 25.76 -10.30 4.96
C VAL B 444 24.58 -9.32 4.98
N ASN B 445 23.51 -9.64 5.75
CA ASN B 445 22.31 -8.82 5.76
C ASN B 445 22.45 -7.72 6.83
N ASN B 446 22.92 -6.55 6.42
CA ASN B 446 23.02 -5.39 7.33
C ASN B 446 21.76 -4.54 7.30
N THR B 447 20.60 -5.18 7.20
CA THR B 447 19.32 -4.49 7.22
C THR B 447 18.39 -5.23 8.18
N GLY B 448 17.27 -4.57 8.50
CA GLY B 448 16.35 -5.14 9.47
C GLY B 448 15.19 -5.87 8.81
N THR B 449 15.34 -6.18 7.53
CA THR B 449 14.33 -6.91 6.78
C THR B 449 14.96 -8.12 6.11
N TYR B 450 14.17 -9.16 5.92
CA TYR B 450 14.69 -10.35 5.28
C TYR B 450 14.79 -10.16 3.76
N HIS B 451 15.69 -10.94 3.14
CA HIS B 451 15.81 -10.93 1.68
C HIS B 451 15.99 -12.36 1.16
N PRO B 452 15.07 -12.87 0.31
CA PRO B 452 15.30 -14.19 -0.30
C PRO B 452 16.19 -14.02 -1.54
N MET B 453 17.47 -14.33 -1.38
CA MET B 453 18.47 -14.01 -2.39
C MET B 453 18.58 -15.15 -3.39
N HIS B 454 18.49 -14.81 -4.70
CA HIS B 454 18.38 -15.75 -5.81
C HIS B 454 19.50 -15.44 -6.81
N ILE B 455 20.12 -16.48 -7.37
CA ILE B 455 21.03 -16.28 -8.50
C ILE B 455 20.46 -17.02 -9.71
N HIS B 456 20.57 -16.39 -10.90
CA HIS B 456 20.32 -17.07 -12.17
C HIS B 456 21.52 -17.99 -12.48
N GLY B 457 21.33 -18.91 -13.43
CA GLY B 457 22.49 -19.59 -13.99
C GLY B 457 22.86 -20.92 -13.33
N PHE B 458 22.82 -21.00 -12.00
CA PHE B 458 23.20 -22.22 -11.33
C PHE B 458 22.34 -22.39 -10.07
N GLN B 459 22.16 -23.66 -9.65
CA GLN B 459 21.78 -23.92 -8.26
C GLN B 459 23.01 -23.83 -7.37
N PHE B 460 22.81 -23.94 -6.07
CA PHE B 460 23.92 -23.83 -5.12
C PHE B 460 23.58 -24.71 -3.92
N GLN B 461 24.56 -24.85 -3.00
CA GLN B 461 24.31 -25.57 -1.76
C GLN B 461 24.56 -24.65 -0.56
N VAL B 462 23.59 -24.58 0.35
CA VAL B 462 23.73 -23.69 1.49
C VAL B 462 24.76 -24.34 2.42
N LEU B 463 25.78 -23.58 2.80
CA LEU B 463 26.82 -24.08 3.69
C LEU B 463 26.52 -23.75 5.15
N GLU B 464 26.07 -22.55 5.46
CA GLU B 464 26.01 -22.15 6.85
C GLU B 464 25.10 -20.94 7.01
N ARG B 465 24.42 -20.87 8.15
CA ARG B 465 23.68 -19.68 8.54
C ARG B 465 24.21 -19.22 9.88
N SER B 466 24.25 -17.89 10.08
CA SER B 466 24.79 -17.35 11.33
C SER B 466 23.78 -17.48 12.47
N LEU B 467 22.49 -17.57 12.19
CA LEU B 467 21.48 -17.60 13.21
C LEU B 467 21.04 -19.00 13.61
N GLY B 468 21.60 -20.06 13.02
CA GLY B 468 21.18 -21.41 13.33
C GLY B 468 21.56 -22.43 12.27
N PRO B 469 21.17 -23.69 12.47
CA PRO B 469 21.57 -24.75 11.54
C PRO B 469 20.59 -24.84 10.39
N LEU B 470 20.96 -25.67 9.39
CA LEU B 470 20.13 -25.83 8.19
C LEU B 470 19.00 -26.82 8.46
N GLY B 471 17.78 -26.39 8.21
CA GLY B 471 16.64 -27.28 8.23
C GLY B 471 16.36 -27.86 6.84
N ALA B 472 15.30 -28.65 6.77
CA ALA B 472 15.08 -29.47 5.60
C ALA B 472 15.02 -28.63 4.34
N THR B 473 14.43 -27.45 4.42
CA THR B 473 14.19 -26.70 3.18
C THR B 473 15.43 -26.00 2.68
N ASP B 474 16.53 -26.01 3.42
CA ASP B 474 17.80 -25.51 2.90
C ASP B 474 18.77 -26.63 2.47
N LEU B 475 18.37 -27.89 2.49
CA LEU B 475 19.28 -28.95 2.08
C LEU B 475 19.26 -29.09 0.55
N GLY B 476 20.08 -30.00 0.02
CA GLY B 476 20.02 -30.27 -1.40
C GLY B 476 20.52 -29.13 -2.28
N TRP B 477 19.94 -29.03 -3.49
CA TRP B 477 20.30 -28.03 -4.48
C TRP B 477 19.27 -26.91 -4.43
N LYS B 478 19.69 -25.70 -4.10
CA LYS B 478 18.81 -24.56 -3.93
C LYS B 478 19.08 -23.54 -5.03
N ASP B 479 18.09 -22.65 -5.27
CA ASP B 479 18.37 -21.47 -6.10
C ASP B 479 17.93 -20.15 -5.46
N THR B 480 17.19 -20.19 -4.34
CA THR B 480 16.77 -19.01 -3.55
C THR B 480 16.93 -19.32 -2.06
N VAL B 481 17.65 -18.45 -1.32
CA VAL B 481 17.96 -18.72 0.08
C VAL B 481 17.50 -17.53 0.94
N ILE B 482 16.69 -17.82 1.97
CA ILE B 482 16.21 -16.77 2.87
C ILE B 482 17.39 -16.21 3.66
N VAL B 483 17.56 -14.90 3.65
CA VAL B 483 18.56 -14.28 4.50
C VAL B 483 17.82 -13.42 5.48
N ALA B 484 17.75 -13.87 6.72
CA ALA B 484 16.95 -13.20 7.70
C ALA B 484 17.58 -11.87 8.10
N PRO B 485 16.79 -11.01 8.76
CA PRO B 485 17.33 -9.74 9.22
C PRO B 485 18.54 -10.03 10.09
N MET B 486 19.62 -9.29 9.83
CA MET B 486 20.84 -9.32 10.63
C MET B 486 21.61 -10.61 10.46
N GLU B 487 21.24 -11.45 9.49
CA GLU B 487 21.87 -12.76 9.32
C GLU B 487 22.97 -12.74 8.26
N THR B 488 23.94 -13.64 8.42
CA THR B 488 24.94 -13.94 7.38
C THR B 488 24.77 -15.39 6.92
N VAL B 489 24.75 -15.62 5.60
CA VAL B 489 24.51 -16.94 5.01
C VAL B 489 25.59 -17.20 3.96
N ARG B 490 26.22 -18.37 4.03
CA ARG B 490 27.22 -18.77 3.05
C ARG B 490 26.64 -19.87 2.18
N ILE B 491 26.77 -19.73 0.87
CA ILE B 491 26.37 -20.78 -0.06
C ILE B 491 27.55 -21.07 -0.96
N ALA B 492 27.59 -22.31 -1.50
CA ALA B 492 28.61 -22.75 -2.44
C ALA B 492 27.98 -22.90 -3.82
N VAL B 493 28.65 -22.34 -4.84
CA VAL B 493 28.19 -22.39 -6.24
C VAL B 493 29.31 -22.98 -7.10
N ASP B 494 29.01 -24.06 -7.80
CA ASP B 494 29.91 -24.62 -8.80
C ASP B 494 29.56 -24.01 -10.16
N MET B 495 30.36 -23.03 -10.59
CA MET B 495 30.00 -22.24 -11.76
C MET B 495 30.57 -22.87 -13.04
N SER B 496 30.16 -24.11 -13.29
CA SER B 496 30.54 -24.86 -14.47
C SER B 496 29.36 -24.90 -15.41
N HIS B 497 29.60 -24.52 -16.65
CA HIS B 497 28.53 -24.52 -17.64
C HIS B 497 29.10 -25.03 -18.96
N PRO B 498 28.24 -25.54 -19.83
CA PRO B 498 28.71 -26.10 -21.09
C PRO B 498 28.67 -25.15 -22.27
N TYR B 499 28.51 -23.85 -22.08
CA TYR B 499 28.29 -23.03 -23.26
C TYR B 499 29.60 -22.48 -23.77
N ASN B 500 29.60 -22.02 -25.02
CA ASN B 500 30.85 -21.61 -25.64
C ASN B 500 31.05 -20.12 -25.61
N GLU B 501 30.27 -19.41 -24.80
CA GLU B 501 30.39 -17.98 -24.61
C GLU B 501 30.40 -17.66 -23.12
N HIS B 502 30.91 -16.50 -22.76
CA HIS B 502 30.69 -16.04 -21.40
C HIS B 502 29.19 -15.82 -21.18
N GLN B 503 28.78 -15.89 -19.90
CA GLN B 503 27.39 -15.75 -19.49
C GLN B 503 27.26 -14.55 -18.58
N ILE B 504 26.16 -13.81 -18.73
CA ILE B 504 25.79 -12.74 -17.82
C ILE B 504 24.57 -13.22 -17.04
N TYR B 505 24.74 -13.43 -15.74
CA TYR B 505 23.66 -13.91 -14.89
C TYR B 505 23.31 -12.91 -13.80
N LEU B 506 22.03 -12.88 -13.44
CA LEU B 506 21.57 -11.97 -12.40
C LEU B 506 21.80 -12.56 -11.01
N LEU B 507 22.00 -11.67 -10.04
CA LEU B 507 21.92 -11.98 -8.62
C LEU B 507 21.02 -10.91 -8.02
N HIS B 508 19.96 -11.30 -7.31
CA HIS B 508 19.03 -10.28 -6.84
C HIS B 508 18.12 -10.84 -5.77
N CYS B 509 17.46 -9.93 -5.08
CA CYS B 509 16.45 -10.28 -4.11
C CYS B 509 15.18 -10.72 -4.83
N HIS B 510 14.49 -11.74 -4.28
CA HIS B 510 13.26 -12.20 -4.91
C HIS B 510 12.00 -11.68 -4.21
N ILE B 511 12.13 -10.74 -3.30
CA ILE B 511 10.99 -9.87 -3.01
C ILE B 511 10.85 -8.95 -4.23
N LEU B 512 9.74 -9.08 -4.97
CA LEU B 512 9.72 -8.49 -6.32
C LEU B 512 9.82 -6.95 -6.30
N GLU B 513 9.30 -6.29 -5.24
CA GLU B 513 9.44 -4.82 -5.13
C GLU B 513 10.87 -4.39 -4.89
N HIS B 514 11.67 -5.19 -4.15
CA HIS B 514 13.10 -4.88 -4.02
C HIS B 514 13.79 -5.03 -5.36
N HIS B 515 13.49 -6.13 -6.08
CA HIS B 515 14.00 -6.30 -7.42
C HIS B 515 13.65 -5.08 -8.27
N ASP B 516 12.36 -4.69 -8.29
CA ASP B 516 11.97 -3.54 -9.13
C ASP B 516 12.64 -2.27 -8.71
N GLU B 517 12.93 -2.11 -7.40
CA GLU B 517 13.63 -0.92 -6.91
C GLU B 517 15.13 -1.02 -7.12
N GLY B 518 15.63 -2.15 -7.64
CA GLY B 518 17.00 -2.28 -8.05
C GLY B 518 17.90 -3.13 -7.18
N MET B 519 17.35 -3.96 -6.30
CA MET B 519 18.21 -4.78 -5.46
C MET B 519 18.66 -5.98 -6.30
N MET B 520 19.59 -5.71 -7.21
CA MET B 520 19.92 -6.65 -8.27
C MET B 520 21.23 -6.23 -8.93
N VAL B 521 22.05 -7.20 -9.34
CA VAL B 521 23.29 -6.96 -10.08
C VAL B 521 23.48 -8.06 -11.12
N ASN B 522 24.40 -7.81 -12.08
CA ASN B 522 24.98 -8.87 -12.90
C ASN B 522 26.23 -9.43 -12.22
N TYR B 523 26.53 -10.72 -12.48
CA TYR B 523 27.86 -11.27 -12.32
C TYR B 523 28.19 -11.99 -13.61
N ARG B 524 29.46 -12.30 -13.83
CA ARG B 524 29.84 -12.89 -15.12
C ARG B 524 30.58 -14.21 -14.93
N VAL B 525 30.35 -15.17 -15.84
CA VAL B 525 31.14 -16.40 -15.91
C VAL B 525 31.67 -16.57 -17.32
N ASN B 526 32.99 -16.69 -17.44
CA ASN B 526 33.59 -16.74 -18.76
C ASN B 526 33.34 -18.09 -19.43
N ALA B 527 33.68 -18.15 -20.71
CA ALA B 527 33.35 -19.29 -21.56
C ALA B 527 33.95 -20.59 -21.08
CU CU C . -17.00 31.38 13.56
CU CU D . -15.90 19.23 15.06
CU CU E . -15.56 17.38 12.09
CU CU F . -11.99 19.61 12.04
O1 OXY G . -13.98 19.80 13.89
O2 OXY G . -14.14 19.05 13.11
S SO4 H . -31.89 4.30 19.97
O1 SO4 H . -31.95 3.14 20.86
O2 SO4 H . -32.38 3.88 18.65
O3 SO4 H . -32.70 5.44 20.44
O4 SO4 H . -30.50 4.73 19.89
S SO4 I . -29.61 18.14 30.60
O1 SO4 I . -29.35 17.07 31.59
O2 SO4 I . -29.68 17.55 29.24
O3 SO4 I . -30.87 18.81 30.97
O4 SO4 I . -28.52 19.16 30.63
S SO4 J . -24.74 23.41 30.45
O1 SO4 J . -25.10 21.97 30.16
O2 SO4 J . -24.40 24.19 29.23
O3 SO4 J . -23.61 23.58 31.39
O4 SO4 J . -25.90 24.07 31.11
C1 GOL K . 0.81 20.23 12.45
O1 GOL K . 0.51 19.64 13.65
C2 GOL K . 1.35 18.99 11.75
O2 GOL K . 0.39 18.06 11.26
C3 GOL K . 1.99 19.52 10.47
O3 GOL K . 3.22 18.90 10.15
H11 GOL K . 0.05 20.63 11.98
H12 GOL K . 1.48 20.94 12.51
HO1 GOL K . 0.17 20.24 14.15
H2 GOL K . 1.90 18.55 12.41
HO2 GOL K . -0.10 18.46 10.70
H31 GOL K . 1.33 19.41 9.76
H32 GOL K . 2.08 20.48 10.58
HO3 GOL K . 3.76 19.08 10.79
C1 GOL L . -13.14 0.26 -3.23
O1 GOL L . -12.51 -0.86 -3.55
C2 GOL L . -14.54 0.23 -3.64
O2 GOL L . -15.37 0.10 -2.53
C3 GOL L . -14.58 1.57 -4.33
O3 GOL L . -15.91 1.78 -4.63
H11 GOL L . -13.11 0.42 -2.27
H12 GOL L . -12.72 1.03 -3.65
HO1 GOL L . -11.72 -0.77 -3.28
H2 GOL L . -14.83 -0.50 -4.21
HO2 GOL L . -15.12 0.66 -1.95
H31 GOL L . -14.19 2.25 -3.75
H32 GOL L . -13.99 1.55 -5.11
HO3 GOL L . -16.36 1.32 -4.09
CU CU M . 14.94 -7.82 -0.50
CU CU N . 15.67 -13.19 -11.67
CU CU O . 15.61 -16.73 -11.60
CU CU P . 11.84 -15.97 -10.03
O1 OXY Q . 14.29 -13.85 -10.97
O2 OXY Q . 13.52 -14.70 -10.72
S SO4 R . 33.31 -14.96 -25.07
O1 SO4 R . 33.58 -16.14 -25.90
O2 SO4 R . 31.87 -14.85 -24.89
O3 SO4 R . 34.00 -15.00 -23.76
O4 SO4 R . 33.79 -13.76 -25.77
C1 GOL S . -1.60 -19.27 -10.16
O1 GOL S . -2.66 -19.70 -11.05
C2 GOL S . -0.70 -18.38 -11.04
O2 GOL S . -0.42 -19.11 -12.20
C3 GOL S . -1.52 -17.04 -11.27
O3 GOL S . -0.60 -16.18 -11.88
H11 GOL S . -1.93 -18.77 -9.39
H12 GOL S . -1.09 -20.01 -9.80
HO1 GOL S . -3.16 -20.22 -10.60
H2 GOL S . 0.14 -18.14 -10.61
HO2 GOL S . -1.16 -19.30 -12.58
H31 GOL S . -2.30 -17.24 -11.82
H32 GOL S . -1.87 -16.72 -10.43
HO3 GOL S . 0.11 -16.63 -11.99
#